data_6RJF
#
_entry.id   6RJF
#
_cell.length_a   1
_cell.length_b   1
_cell.length_c   1
_cell.angle_alpha   90
_cell.angle_beta   90
_cell.angle_gamma   90
#
_symmetry.space_group_name_H-M   'P 1'
#
loop_
_entity.id
_entity.type
_entity.pdbx_description
1 polymer VP1
2 polymer VP2
3 polymer VP3
4 polymer VP4
5 non-polymer 'PALMITIC ACID'
#
loop_
_entity_poly.entity_id
_entity_poly.type
_entity_poly.pdbx_seq_one_letter_code
_entity_poly.pdbx_strand_id
1 'polypeptide(L)'
;GDVQNAVEGAMVRVADTVQTSATNSERVPNLTAVETGHTSQAVPGDTMQTRHVINNHVRSESTIENFLARSACVFYLEYK
TGTKEDSNSFNNWVITTRRVAQLRRKLEMFTYLRFDMEITVVITSSQDQSTSQNQNAPVLTHQIMYVPPGGPIPVSVDDY
SWQTSTNPSIFWTEGNAPARMSIPFISIGNAYSNFYDGWSHFSQAGVYGFTTLNNMGQLFFRHVNKPNPAAITSVARIYF
KPKHVRAWVPRPPRLCPYINSTNVNFEPKPVTEVRTNIITT
;
1
2 'polypeptide(L)'
;SPTVEECGYSDRVRSITLGNSTITTQECANVVVGYGEWPEYLSDNEATAEDQPTQPDVATCRFYTLDSVQWENGSPGWWW
KFPDALRDMGLFGQNMYYHYLGRAGYTIHVQCNASKFHQGCILVVCVPEAEMGSAQTSGVVNYEHISKGEIASRFTTTTT
AEDHGVQAAVWNAGMGVGVGNLTIFPHQWINLRTNNSATIVMPYVNSVPMDNMYRHHNFTLMIIPFVPLDFSAGASTYVP
ITVTVAPMCAEYNGLRLAGHQ
;
2
3 'polypeptide(L)'
;GLPTMNTPGSNQFLTSDDFQSPSAMPQFDVTPEMHIPGEVRNLMEIAEVDSVMPINNDSAAKVSSMEAYRVELSTNTNAG
TQVFGFQLNPGAESVMNRTLMGEILNYYAHWSGSIKITFVFCGSAMTTGKFLLSYAPPGAGAPKTRKDAMLGTHVVWDVG
LQSSCVLCIPWISQTHYRFVEKDPYTNAGFVTCWYQTSVVSPASNQPKCYMMCMVSACNDFSVRMLRDTKFIEQTSFYQ
;
3
4 'polypeptide(L)' GAQVSTQKTGAHETSLSATGNSIIHYTNINYYKDAASNSANRQDFTQDPGKFTEPMKDVMIKTLPALN 4
#
# COMPACT_ATOMS: atom_id res chain seq x y z
N GLY A 1 -3.37 -17.28 17.08
CA GLY A 1 -4.39 -16.67 17.97
C GLY A 1 -3.97 -15.28 18.33
N ASP A 2 -3.78 -15.03 19.65
CA ASP A 2 -3.34 -13.77 20.19
C ASP A 2 -1.96 -13.48 19.69
N VAL A 3 -1.67 -12.20 19.38
CA VAL A 3 -0.44 -11.78 18.77
C VAL A 3 0.49 -11.27 19.84
N GLN A 4 0.06 -11.35 21.11
CA GLN A 4 0.91 -11.04 22.23
C GLN A 4 1.31 -12.32 22.89
N ASN A 5 0.79 -13.47 22.42
CA ASN A 5 1.24 -14.77 22.84
C ASN A 5 2.16 -15.18 21.73
N ALA A 6 3.47 -15.24 22.03
CA ALA A 6 4.48 -15.43 21.04
C ALA A 6 4.98 -16.83 20.96
N VAL A 7 4.45 -17.75 21.80
CA VAL A 7 4.90 -19.11 21.82
C VAL A 7 3.91 -19.93 21.03
N GLU A 8 2.73 -19.36 20.73
CA GLU A 8 1.71 -19.97 19.92
C GLU A 8 1.99 -19.58 18.50
N GLY A 9 2.09 -20.59 17.61
CA GLY A 9 2.46 -20.39 16.22
C GLY A 9 1.48 -21.10 15.35
N ALA A 10 1.84 -21.22 14.07
CA ALA A 10 1.04 -21.85 13.06
C ALA A 10 2.02 -22.26 12.00
N MET A 11 1.59 -23.09 11.04
CA MET A 11 2.48 -23.54 10.02
C MET A 11 1.68 -23.71 8.77
N VAL A 12 2.28 -23.35 7.62
CA VAL A 12 1.67 -23.47 6.33
C VAL A 12 2.85 -23.52 5.41
N ARG A 13 2.69 -24.05 4.19
CA ARG A 13 3.76 -24.11 3.24
C ARG A 13 3.19 -23.71 1.93
N VAL A 14 4.09 -23.33 1.00
CA VAL A 14 3.82 -22.94 -0.36
C VAL A 14 3.26 -24.11 -1.12
N ALA A 15 2.29 -23.83 -2.03
CA ALA A 15 1.56 -24.80 -2.81
C ALA A 15 2.43 -25.59 -3.75
N ASP A 16 2.05 -26.86 -3.99
CA ASP A 16 2.76 -27.79 -4.83
C ASP A 16 2.26 -27.67 -6.24
N THR A 17 2.93 -28.38 -7.18
CA THR A 17 2.57 -28.40 -8.58
C THR A 17 2.19 -29.82 -8.82
N VAL A 18 0.96 -30.03 -9.34
CA VAL A 18 0.46 -31.33 -9.70
C VAL A 18 0.69 -31.50 -11.17
N GLN A 19 1.09 -32.72 -11.58
CA GLN A 19 1.33 -33.11 -12.95
C GLN A 19 0.09 -32.96 -13.79
N THR A 20 0.25 -32.50 -15.06
CA THR A 20 -0.84 -32.35 -15.99
C THR A 20 -0.39 -32.96 -17.28
N SER A 21 -1.36 -33.23 -18.18
CA SER A 21 -1.13 -33.77 -19.49
C SER A 21 -1.75 -32.85 -20.47
N ALA A 22 -1.49 -33.13 -21.78
CA ALA A 22 -2.07 -32.44 -22.91
C ALA A 22 -3.56 -32.56 -22.93
N THR A 23 -4.24 -31.52 -23.43
CA THR A 23 -5.68 -31.45 -23.49
C THR A 23 -6.06 -30.89 -24.84
N ASN A 24 -7.35 -31.02 -25.19
CA ASN A 24 -7.92 -30.45 -26.36
C ASN A 24 -9.36 -30.29 -25.96
N SER A 25 -9.56 -29.54 -24.86
CA SER A 25 -10.82 -29.37 -24.20
C SER A 25 -11.53 -28.16 -24.72
N GLU A 26 -12.72 -27.88 -24.14
CA GLU A 26 -13.58 -26.79 -24.49
C GLU A 26 -13.56 -25.77 -23.39
N ARG A 27 -12.57 -25.85 -22.48
CA ARG A 27 -12.47 -24.95 -21.36
C ARG A 27 -11.18 -24.18 -21.49
N VAL A 28 -11.24 -22.86 -21.20
CA VAL A 28 -10.15 -21.96 -21.34
C VAL A 28 -9.82 -21.48 -19.95
N PRO A 29 -8.66 -21.74 -19.40
CA PRO A 29 -8.41 -21.42 -18.02
C PRO A 29 -7.54 -20.20 -17.99
N ASN A 30 -7.04 -19.76 -19.16
CA ASN A 30 -6.17 -18.62 -19.28
C ASN A 30 -6.81 -17.50 -20.05
N LEU A 31 -8.15 -17.50 -20.20
CA LEU A 31 -8.84 -16.37 -20.75
C LEU A 31 -9.70 -15.85 -19.64
N THR A 32 -9.73 -14.51 -19.52
CA THR A 32 -10.28 -13.85 -18.37
C THR A 32 -10.55 -12.45 -18.86
N ALA A 33 -11.23 -11.62 -18.03
CA ALA A 33 -11.52 -10.28 -18.38
C ALA A 33 -11.05 -9.44 -17.23
N VAL A 34 -9.94 -8.71 -17.44
CA VAL A 34 -9.30 -7.81 -16.51
C VAL A 34 -10.24 -6.78 -15.92
N GLU A 35 -11.21 -6.30 -16.72
CA GLU A 35 -12.18 -5.28 -16.37
C GLU A 35 -12.89 -5.49 -15.07
N THR A 36 -13.19 -6.77 -14.76
CA THR A 36 -13.85 -7.26 -13.59
C THR A 36 -13.22 -6.79 -12.30
N GLY A 37 -11.90 -6.59 -12.30
CA GLY A 37 -11.14 -6.21 -11.12
C GLY A 37 -10.77 -7.45 -10.38
N HIS A 38 -10.67 -8.58 -11.11
CA HIS A 38 -10.42 -9.88 -10.58
C HIS A 38 -9.10 -10.29 -11.14
N THR A 39 -8.21 -10.79 -10.27
CA THR A 39 -6.90 -11.25 -10.67
C THR A 39 -7.04 -12.69 -11.03
N SER A 40 -6.45 -13.10 -12.18
CA SER A 40 -6.49 -14.43 -12.71
C SER A 40 -5.83 -15.39 -11.76
N GLN A 41 -6.33 -16.64 -11.69
CA GLN A 41 -5.83 -17.66 -10.81
C GLN A 41 -5.13 -18.73 -11.58
N ALA A 42 -4.59 -18.40 -12.77
CA ALA A 42 -3.79 -19.31 -13.56
C ALA A 42 -2.58 -19.78 -12.79
N VAL A 43 -2.22 -21.05 -12.98
CA VAL A 43 -1.12 -21.71 -12.32
C VAL A 43 -0.39 -22.37 -13.46
N PRO A 44 0.92 -22.62 -13.46
CA PRO A 44 1.67 -23.18 -14.59
C PRO A 44 1.09 -24.39 -15.24
N GLY A 45 0.45 -25.31 -14.50
CA GLY A 45 -0.15 -26.52 -15.00
C GLY A 45 -1.27 -26.33 -16.00
N ASP A 46 -1.73 -25.09 -16.20
CA ASP A 46 -2.83 -24.79 -17.08
C ASP A 46 -2.41 -24.52 -18.50
N THR A 47 -1.11 -24.30 -18.78
CA THR A 47 -0.67 -23.96 -20.11
C THR A 47 0.60 -24.67 -20.46
N MET A 48 1.06 -25.61 -19.62
CA MET A 48 2.18 -26.44 -19.96
C MET A 48 1.85 -27.78 -19.39
N GLN A 49 2.56 -28.82 -19.85
CA GLN A 49 2.59 -30.09 -19.19
C GLN A 49 3.67 -29.93 -18.19
N THR A 50 3.32 -30.08 -16.90
CA THR A 50 4.24 -29.97 -15.81
C THR A 50 4.42 -31.31 -15.20
N ARG A 51 5.55 -31.52 -14.50
CA ARG A 51 5.81 -32.69 -13.71
C ARG A 51 5.26 -32.44 -12.35
N HIS A 52 5.26 -33.47 -11.48
CA HIS A 52 4.90 -33.35 -10.10
C HIS A 52 6.09 -32.86 -9.34
N VAL A 53 5.92 -31.76 -8.57
CA VAL A 53 6.96 -31.14 -7.79
C VAL A 53 6.36 -30.98 -6.44
N ILE A 54 7.18 -31.11 -5.37
CA ILE A 54 6.78 -30.85 -4.01
C ILE A 54 7.60 -29.68 -3.58
N ASN A 55 6.94 -28.65 -3.02
CA ASN A 55 7.59 -27.46 -2.51
C ASN A 55 7.52 -27.56 -1.03
N ASN A 56 8.64 -27.25 -0.36
CA ASN A 56 8.71 -27.17 1.07
C ASN A 56 9.12 -25.79 1.45
N HIS A 57 9.09 -24.83 0.49
CA HIS A 57 9.33 -23.44 0.77
C HIS A 57 8.26 -22.93 1.67
N VAL A 58 8.60 -21.96 2.54
CA VAL A 58 7.65 -21.40 3.44
C VAL A 58 7.93 -19.94 3.51
N ARG A 59 6.85 -19.14 3.42
CA ARG A 59 6.86 -17.71 3.50
C ARG A 59 7.02 -17.43 4.96
N SER A 60 8.08 -16.70 5.35
CA SER A 60 8.45 -16.71 6.74
C SER A 60 9.28 -15.50 7.01
N GLU A 61 9.67 -14.74 5.98
CA GLU A 61 10.40 -13.52 6.17
C GLU A 61 9.61 -12.44 5.50
N SER A 62 8.35 -12.75 5.13
CA SER A 62 7.44 -11.82 4.55
C SER A 62 6.21 -11.71 5.40
N THR A 63 6.21 -12.29 6.62
CA THR A 63 5.23 -12.00 7.65
C THR A 63 5.40 -10.59 8.08
N ILE A 64 4.30 -9.87 8.42
CA ILE A 64 4.30 -8.48 8.81
C ILE A 64 5.21 -8.24 9.99
N GLU A 65 5.18 -9.15 10.98
CA GLU A 65 6.01 -9.08 12.15
C GLU A 65 7.46 -9.05 11.78
N ASN A 66 7.96 -10.12 11.13
CA ASN A 66 9.33 -10.25 10.69
C ASN A 66 9.81 -9.13 9.82
N PHE A 67 8.93 -8.56 8.98
CA PHE A 67 9.25 -7.45 8.14
C PHE A 67 9.51 -6.18 8.90
N LEU A 68 8.60 -5.80 9.83
CA LEU A 68 8.73 -4.54 10.51
C LEU A 68 9.61 -4.56 11.73
N ALA A 69 9.75 -5.72 12.41
CA ALA A 69 10.41 -5.81 13.68
C ALA A 69 11.91 -5.88 13.58
N ARG A 70 12.55 -4.73 13.30
CA ARG A 70 13.98 -4.57 13.38
C ARG A 70 14.15 -3.14 13.78
N SER A 71 15.13 -2.89 14.69
CA SER A 71 15.31 -1.59 15.30
C SER A 71 15.88 -0.57 14.37
N ALA A 72 15.08 0.46 14.01
CA ALA A 72 15.47 1.52 13.11
C ALA A 72 15.82 2.74 13.92
N CYS A 73 16.82 3.53 13.47
CA CYS A 73 17.17 4.82 14.04
C CYS A 73 16.12 5.81 13.64
N VAL A 74 15.48 6.52 14.60
CA VAL A 74 14.50 7.52 14.26
C VAL A 74 14.99 8.94 14.40
N PHE A 75 16.04 9.22 15.20
CA PHE A 75 16.42 10.59 15.42
C PHE A 75 17.63 10.56 16.30
N TYR A 76 18.57 11.53 16.16
CA TYR A 76 19.56 11.74 17.19
C TYR A 76 19.59 13.19 17.58
N LEU A 77 19.86 13.45 18.87
CA LEU A 77 19.75 14.73 19.52
C LEU A 77 21.06 15.00 20.19
N GLU A 78 21.52 16.28 20.30
CA GLU A 78 22.82 16.62 20.84
C GLU A 78 22.70 17.55 22.02
N TYR A 79 23.56 17.42 23.06
CA TYR A 79 23.52 18.31 24.20
C TYR A 79 24.84 18.31 24.92
N LYS A 80 25.35 19.51 25.30
CA LYS A 80 26.60 19.68 26.02
C LYS A 80 26.37 19.64 27.49
N THR A 81 27.46 19.40 28.26
CA THR A 81 27.55 19.57 29.69
C THR A 81 27.71 21.03 29.97
N GLY A 82 26.74 21.67 30.66
CA GLY A 82 26.76 23.09 30.86
C GLY A 82 26.29 23.47 32.22
N THR A 83 25.84 24.75 32.32
CA THR A 83 25.31 25.38 33.51
C THR A 83 23.91 25.81 33.16
N LYS A 84 23.26 26.61 34.04
CA LYS A 84 21.93 27.12 33.82
C LYS A 84 21.93 28.27 32.83
N GLU A 85 23.10 28.89 32.59
CA GLU A 85 23.24 30.04 31.73
C GLU A 85 23.30 29.61 30.29
N ASP A 86 23.60 28.31 30.05
CA ASP A 86 23.69 27.75 28.72
C ASP A 86 22.31 27.37 28.29
N SER A 87 22.09 27.30 26.97
CA SER A 87 20.83 26.93 26.39
C SER A 87 21.18 25.90 25.37
N ASN A 88 21.83 24.84 25.86
CA ASN A 88 22.28 23.71 25.09
C ASN A 88 22.77 22.73 26.10
N SER A 89 22.56 23.02 27.40
CA SER A 89 22.90 22.17 28.49
C SER A 89 21.91 21.04 28.64
N PHE A 90 20.71 21.18 28.05
CA PHE A 90 19.77 20.10 27.97
C PHE A 90 19.18 20.26 26.60
N ASN A 91 18.35 19.30 26.16
CA ASN A 91 17.71 19.44 24.87
C ASN A 91 16.49 18.57 24.93
N ASN A 92 15.58 18.68 23.94
CA ASN A 92 14.38 17.89 23.91
C ASN A 92 14.02 17.56 22.50
N TRP A 93 13.18 16.51 22.35
CA TRP A 93 12.71 16.03 21.09
C TRP A 93 11.25 15.73 21.18
N VAL A 94 10.44 16.35 20.28
CA VAL A 94 9.04 16.07 20.09
C VAL A 94 8.93 14.78 19.33
N ILE A 95 8.27 13.76 19.92
CA ILE A 95 8.20 12.43 19.39
C ILE A 95 7.41 12.40 18.11
N THR A 96 7.98 11.80 17.06
CA THR A 96 7.37 11.66 15.77
C THR A 96 8.19 10.58 15.12
N THR A 97 7.72 10.00 14.00
CA THR A 97 8.44 8.96 13.30
C THR A 97 8.73 9.38 11.89
N ARG A 98 8.56 10.67 11.56
CA ARG A 98 8.56 11.10 10.19
C ARG A 98 9.87 11.74 9.81
N ARG A 99 10.81 11.88 10.76
CA ARG A 99 12.09 12.49 10.50
C ARG A 99 13.01 11.74 9.58
N VAL A 100 13.15 10.41 9.74
CA VAL A 100 13.98 9.58 8.89
C VAL A 100 13.19 9.12 7.71
N ALA A 101 13.91 8.82 6.61
CA ALA A 101 13.32 8.47 5.35
C ALA A 101 12.94 7.03 5.33
N GLN A 102 13.85 6.15 5.80
CA GLN A 102 13.72 4.73 5.65
C GLN A 102 12.56 4.14 6.38
N LEU A 103 12.51 4.30 7.71
CA LEU A 103 11.44 3.77 8.53
C LEU A 103 10.09 4.32 8.14
N ARG A 104 10.04 5.62 7.78
CA ARG A 104 8.84 6.28 7.35
C ARG A 104 8.21 5.60 6.18
N ARG A 105 9.01 5.29 5.14
CA ARG A 105 8.54 4.62 3.95
C ARG A 105 7.95 3.27 4.24
N LYS A 106 8.56 2.50 5.17
CA LYS A 106 8.05 1.20 5.57
C LYS A 106 6.70 1.29 6.22
N LEU A 107 6.53 2.22 7.18
CA LEU A 107 5.29 2.36 7.92
C LEU A 107 4.17 2.79 7.02
N GLU A 108 4.42 3.77 6.14
CA GLU A 108 3.43 4.33 5.25
C GLU A 108 2.84 3.37 4.24
N MET A 109 3.38 2.14 4.11
CA MET A 109 2.74 1.12 3.32
C MET A 109 1.44 0.59 3.87
N PHE A 110 1.06 0.93 5.13
CA PHE A 110 -0.20 0.47 5.68
C PHE A 110 -0.91 1.68 6.16
N THR A 111 -2.24 1.78 5.92
CA THR A 111 -3.00 2.90 6.39
C THR A 111 -3.15 2.90 7.88
N TYR A 112 -3.56 1.76 8.48
CA TYR A 112 -3.74 1.67 9.91
C TYR A 112 -2.85 0.61 10.46
N LEU A 113 -2.21 0.91 11.60
CA LEU A 113 -1.15 0.09 12.12
C LEU A 113 -1.33 0.05 13.61
N ARG A 114 -1.32 -1.14 14.25
CA ARG A 114 -1.46 -1.28 15.68
C ARG A 114 -0.33 -2.11 16.24
N PHE A 115 0.50 -1.55 17.17
CA PHE A 115 1.64 -2.29 17.69
C PHE A 115 2.07 -1.79 19.04
N ASP A 116 2.86 -2.65 19.77
CA ASP A 116 3.61 -2.30 20.96
C ASP A 116 5.01 -1.98 20.49
N MET A 117 5.82 -1.24 21.28
CA MET A 117 7.12 -0.81 20.80
C MET A 117 8.23 -0.95 21.81
N GLU A 118 9.43 -1.46 21.41
CA GLU A 118 10.64 -1.46 22.22
C GLU A 118 11.51 -0.29 21.88
N ILE A 119 11.75 0.65 22.82
CA ILE A 119 12.60 1.80 22.59
C ILE A 119 13.92 1.55 23.26
N THR A 120 15.02 1.51 22.47
CA THR A 120 16.39 1.39 22.92
C THR A 120 17.09 2.68 22.62
N VAL A 121 17.99 3.22 23.50
CA VAL A 121 18.69 4.46 23.24
C VAL A 121 20.17 4.39 23.57
N VAL A 122 21.04 4.57 22.53
CA VAL A 122 22.49 4.56 22.57
C VAL A 122 23.06 5.96 22.75
N ILE A 123 23.55 6.34 23.95
CA ILE A 123 24.14 7.64 24.20
C ILE A 123 25.66 7.57 24.15
N THR A 124 26.29 8.38 23.26
CA THR A 124 27.73 8.43 23.05
C THR A 124 28.23 9.81 23.41
N SER A 125 29.37 9.91 24.12
CA SER A 125 29.95 11.18 24.54
C SER A 125 31.30 11.42 23.92
N SER A 126 31.70 12.70 23.76
CA SER A 126 32.98 13.07 23.22
C SER A 126 33.49 14.31 23.90
N GLN A 127 34.82 14.37 24.13
CA GLN A 127 35.56 15.47 24.70
C GLN A 127 35.66 16.62 23.74
N ASP A 128 35.26 17.84 24.16
CA ASP A 128 35.41 19.04 23.37
C ASP A 128 36.77 19.58 23.60
N GLN A 129 37.41 20.14 22.54
CA GLN A 129 38.70 20.78 22.65
C GLN A 129 38.65 22.03 23.48
N SER A 130 39.71 22.25 24.27
CA SER A 130 39.81 23.39 25.14
C SER A 130 41.25 23.41 25.54
N THR A 131 41.66 24.48 26.27
CA THR A 131 42.97 24.61 26.88
C THR A 131 43.16 23.53 27.90
N SER A 132 42.09 23.26 28.69
CA SER A 132 42.08 22.27 29.74
C SER A 132 41.29 21.12 29.23
N GLN A 133 41.84 20.39 28.24
CA GLN A 133 41.17 19.28 27.61
C GLN A 133 41.80 18.01 28.09
N ASN A 134 42.83 18.13 28.95
CA ASN A 134 43.48 17.03 29.60
C ASN A 134 43.11 17.02 31.04
N GLN A 135 42.06 17.79 31.41
CA GLN A 135 41.37 17.65 32.66
C GLN A 135 40.78 16.29 32.86
N ASN A 136 40.75 15.86 34.13
CA ASN A 136 40.32 14.56 34.55
C ASN A 136 38.85 14.70 34.81
N ALA A 137 38.04 13.67 34.48
CA ALA A 137 36.64 13.70 34.77
C ALA A 137 36.24 12.29 35.07
N PRO A 138 35.32 12.03 35.98
CA PRO A 138 34.81 10.69 36.22
C PRO A 138 33.64 10.47 35.29
N VAL A 139 33.04 9.26 35.33
CA VAL A 139 31.96 8.79 34.48
C VAL A 139 30.74 9.68 34.59
N LEU A 140 29.99 9.86 33.47
CA LEU A 140 28.83 10.72 33.43
C LEU A 140 27.59 9.88 33.32
N THR A 141 26.59 10.17 34.19
CA THR A 141 25.26 9.65 34.15
C THR A 141 24.43 10.58 33.31
N HIS A 142 23.43 10.05 32.58
CA HIS A 142 22.53 10.81 31.76
C HIS A 142 21.14 10.47 32.21
N GLN A 143 20.20 11.43 32.11
CA GLN A 143 18.82 11.25 32.45
C GLN A 143 17.99 11.51 31.23
N ILE A 144 17.12 10.55 30.88
CA ILE A 144 16.14 10.65 29.84
C ILE A 144 14.82 10.69 30.56
N MET A 145 14.00 11.76 30.35
CA MET A 145 12.72 11.91 30.98
C MET A 145 11.67 12.04 29.92
N TYR A 146 10.60 11.23 30.02
CA TYR A 146 9.42 11.28 29.18
C TYR A 146 8.41 12.20 29.82
N VAL A 147 7.94 13.24 29.10
CA VAL A 147 6.90 14.12 29.54
C VAL A 147 5.67 13.86 28.69
N PRO A 148 4.62 13.17 29.14
CA PRO A 148 3.35 13.00 28.44
C PRO A 148 2.69 14.30 28.06
N PRO A 149 1.71 14.37 27.14
CA PRO A 149 1.06 15.60 26.72
C PRO A 149 0.50 16.43 27.84
N GLY A 150 0.82 17.75 27.86
CA GLY A 150 0.26 18.68 28.81
C GLY A 150 0.83 18.59 30.19
N GLY A 151 2.13 18.21 30.32
CA GLY A 151 2.80 18.11 31.60
C GLY A 151 3.69 19.31 31.72
N PRO A 152 4.41 19.49 32.83
CA PRO A 152 5.37 20.57 33.04
C PRO A 152 6.51 20.42 32.07
N ILE A 153 7.13 21.55 31.65
CA ILE A 153 8.25 21.54 30.74
C ILE A 153 9.42 22.21 31.42
N PRO A 154 10.61 21.61 31.59
CA PRO A 154 11.88 22.26 31.89
C PRO A 154 12.14 23.54 31.15
N VAL A 155 12.62 24.59 31.86
CA VAL A 155 13.00 25.83 31.24
C VAL A 155 14.50 25.97 31.36
N SER A 156 15.14 25.12 32.18
CA SER A 156 16.56 25.15 32.36
C SER A 156 16.97 23.76 32.66
N VAL A 157 18.29 23.53 32.81
CA VAL A 157 18.84 22.25 33.14
C VAL A 157 18.50 21.87 34.55
N ASP A 158 18.19 22.85 35.42
CA ASP A 158 18.00 22.60 36.82
C ASP A 158 16.78 23.36 37.24
N ASP A 159 15.66 22.62 37.45
CA ASP A 159 14.46 23.18 38.01
C ASP A 159 13.63 22.01 38.43
N TYR A 160 12.59 22.28 39.26
CA TYR A 160 11.70 21.35 39.89
C TYR A 160 11.22 20.19 39.02
N SER A 161 10.96 20.45 37.71
CA SER A 161 10.45 19.52 36.73
C SER A 161 11.12 18.18 36.72
N TRP A 162 12.46 18.20 36.84
CA TRP A 162 13.33 17.05 36.82
C TRP A 162 13.17 16.12 38.00
N GLN A 163 12.35 16.48 39.03
CA GLN A 163 12.05 15.63 40.16
C GLN A 163 11.40 14.33 39.78
N THR A 164 10.53 14.35 38.74
CA THR A 164 9.87 13.21 38.14
C THR A 164 9.12 12.33 39.09
N SER A 165 8.05 12.87 39.69
CA SER A 165 7.27 12.12 40.64
C SER A 165 6.32 11.15 40.02
N THR A 166 5.97 11.30 38.72
CA THR A 166 5.13 10.32 38.06
C THR A 166 5.50 10.25 36.60
N ASN A 167 6.59 10.91 36.16
CA ASN A 167 7.06 10.81 34.81
C ASN A 167 8.06 9.68 34.74
N PRO A 168 7.98 8.70 33.85
CA PRO A 168 9.00 7.69 33.66
C PRO A 168 10.34 8.29 33.28
N SER A 169 11.44 7.89 33.94
CA SER A 169 12.76 8.35 33.60
C SER A 169 13.69 7.19 33.61
N ILE A 170 14.81 7.28 32.86
CA ILE A 170 15.85 6.30 32.89
C ILE A 170 17.09 7.05 33.23
N PHE A 171 17.84 6.58 34.25
CA PHE A 171 19.17 7.03 34.57
C PHE A 171 20.08 5.99 34.06
N TRP A 172 21.03 6.35 33.18
CA TRP A 172 21.93 5.40 32.57
C TRP A 172 23.32 5.93 32.69
N THR A 173 24.22 5.16 33.32
CA THR A 173 25.63 5.44 33.44
C THR A 173 26.33 4.93 32.21
N GLU A 174 27.38 5.63 31.72
CA GLU A 174 28.18 5.20 30.60
C GLU A 174 28.95 3.94 30.88
N GLY A 175 29.17 3.13 29.82
CA GLY A 175 29.93 1.91 29.89
C GLY A 175 29.08 0.75 30.30
N ASN A 176 27.76 0.81 30.01
CA ASN A 176 26.83 -0.25 30.28
C ASN A 176 26.10 -0.49 29.00
N ALA A 177 25.35 -1.61 28.94
CA ALA A 177 24.54 -1.97 27.80
C ALA A 177 23.46 -0.92 27.57
N PRO A 178 23.10 -0.53 26.36
CA PRO A 178 22.10 0.49 26.07
C PRO A 178 20.79 0.35 26.79
N ALA A 179 20.24 1.46 27.33
CA ALA A 179 18.95 1.54 27.97
C ALA A 179 17.82 1.08 27.08
N ARG A 180 16.87 0.28 27.62
CA ARG A 180 15.76 -0.25 26.85
C ARG A 180 14.50 -0.30 27.67
N MET A 181 13.37 0.16 27.09
CA MET A 181 12.05 0.09 27.67
C MET A 181 11.15 -0.54 26.66
N SER A 182 10.02 -1.13 27.11
CA SER A 182 8.94 -1.53 26.25
C SER A 182 7.81 -0.60 26.58
N ILE A 183 7.01 -0.19 25.58
CA ILE A 183 5.88 0.69 25.74
C ILE A 183 4.71 -0.10 25.22
N PRO A 184 3.55 -0.21 25.85
CA PRO A 184 2.32 -0.72 25.26
C PRO A 184 1.81 0.13 24.13
N PHE A 185 0.66 -0.25 23.54
CA PHE A 185 -0.14 0.54 22.63
C PHE A 185 -0.63 1.75 23.37
N ILE A 186 -0.82 2.93 22.71
CA ILE A 186 -1.03 4.14 23.47
C ILE A 186 -1.95 5.12 22.79
N SER A 187 -2.66 4.73 21.71
CA SER A 187 -3.54 5.65 21.00
C SER A 187 -4.83 5.82 21.74
N ILE A 188 -5.64 6.82 21.34
CA ILE A 188 -6.96 7.02 21.86
C ILE A 188 -7.94 6.49 20.86
N GLY A 189 -7.45 6.13 19.65
CA GLY A 189 -8.22 5.44 18.64
C GLY A 189 -7.94 3.99 18.81
N ASN A 190 -8.24 3.19 17.77
CA ASN A 190 -8.15 1.75 17.85
C ASN A 190 -6.98 1.31 17.03
N ALA A 191 -6.30 2.26 16.35
CA ALA A 191 -5.07 1.97 15.65
C ALA A 191 -4.43 3.30 15.42
N TYR A 192 -3.08 3.33 15.24
CA TYR A 192 -2.39 4.49 14.77
C TYR A 192 -2.78 4.69 13.33
N SER A 193 -2.93 5.96 12.93
CA SER A 193 -3.33 6.35 11.60
C SER A 193 -2.21 7.05 10.95
N ASN A 194 -1.61 6.42 9.91
CA ASN A 194 -0.51 6.99 9.19
C ASN A 194 -0.96 8.01 8.19
N PHE A 195 -2.27 8.08 7.90
CA PHE A 195 -2.80 9.08 7.00
C PHE A 195 -4.11 9.49 7.56
N TYR A 196 -4.35 10.82 7.59
CA TYR A 196 -5.60 11.40 7.98
C TYR A 196 -5.84 12.40 6.91
N ASP A 197 -6.97 12.27 6.19
CA ASP A 197 -7.39 13.24 5.23
C ASP A 197 -8.51 13.96 5.91
N GLY A 198 -8.26 15.19 6.40
CA GLY A 198 -9.29 15.92 7.08
C GLY A 198 -8.69 17.10 7.76
N TRP A 199 -9.56 17.86 8.47
CA TRP A 199 -9.24 19.15 9.00
C TRP A 199 -9.38 19.06 10.48
N SER A 200 -8.64 19.91 11.22
CA SER A 200 -8.76 20.04 12.65
C SER A 200 -9.96 20.82 13.12
N HIS A 201 -10.56 21.66 12.24
CA HIS A 201 -11.71 22.47 12.57
C HIS A 201 -12.83 22.15 11.67
N PHE A 202 -14.05 22.06 12.26
CA PHE A 202 -15.29 21.70 11.64
C PHE A 202 -15.73 22.66 10.57
N SER A 203 -15.09 23.85 10.48
CA SER A 203 -15.36 24.84 9.47
C SER A 203 -14.49 24.63 8.27
N GLN A 204 -13.86 23.43 8.17
CA GLN A 204 -13.05 22.99 7.07
C GLN A 204 -11.75 23.75 7.03
N ALA A 205 -11.10 23.98 8.19
CA ALA A 205 -9.95 24.84 8.20
C ALA A 205 -8.98 24.36 9.23
N GLY A 206 -7.92 25.17 9.44
CA GLY A 206 -6.84 24.91 10.36
C GLY A 206 -5.76 24.10 9.72
N VAL A 207 -5.45 22.94 10.31
CA VAL A 207 -4.39 22.06 9.89
C VAL A 207 -4.96 20.99 9.02
N TYR A 208 -4.36 20.78 7.83
CA TYR A 208 -4.60 19.65 6.98
C TYR A 208 -3.60 18.58 7.29
N GLY A 209 -4.03 17.30 7.34
CA GLY A 209 -3.12 16.17 7.34
C GLY A 209 -2.91 15.54 8.68
N PHE A 210 -2.05 14.49 8.70
CA PHE A 210 -1.76 13.59 9.80
C PHE A 210 -1.40 14.23 11.11
N THR A 211 -0.80 15.43 11.06
CA THR A 211 -0.32 16.24 12.18
C THR A 211 -1.33 16.31 13.29
N THR A 212 -2.60 16.57 12.91
CA THR A 212 -3.77 16.73 13.75
C THR A 212 -3.95 15.61 14.75
N LEU A 213 -3.62 14.35 14.38
CA LEU A 213 -3.85 13.22 15.25
C LEU A 213 -2.65 12.96 16.11
N ASN A 214 -1.42 13.14 15.58
CA ASN A 214 -0.21 12.82 16.31
C ASN A 214 -0.04 13.80 17.43
N ASN A 215 0.36 13.28 18.61
CA ASN A 215 0.52 14.03 19.82
C ASN A 215 0.93 12.93 20.74
N MET A 216 2.19 12.97 21.22
CA MET A 216 2.74 11.85 21.93
C MET A 216 3.68 12.30 23.01
N GLY A 217 3.74 13.62 23.34
CA GLY A 217 4.66 14.10 24.34
C GLY A 217 6.04 14.25 23.80
N GLN A 218 7.04 14.39 24.70
CA GLN A 218 8.38 14.74 24.31
C GLN A 218 9.33 14.08 25.27
N LEU A 219 10.58 13.84 24.79
CA LEU A 219 11.69 13.35 25.56
C LEU A 219 12.64 14.47 25.87
N PHE A 220 12.86 14.79 27.17
CA PHE A 220 13.84 15.75 27.62
C PHE A 220 15.08 15.03 28.06
N PHE A 221 16.26 15.46 27.58
CA PHE A 221 17.55 14.85 27.86
C PHE A 221 18.44 15.82 28.58
N ARG A 222 19.17 15.37 29.64
CA ARG A 222 20.17 16.19 30.27
C ARG A 222 21.25 15.32 30.84
N HIS A 223 22.36 15.96 31.27
CA HIS A 223 23.41 15.37 32.07
C HIS A 223 23.04 15.57 33.50
N VAL A 224 23.33 14.58 34.34
CA VAL A 224 23.04 14.64 35.76
C VAL A 224 24.17 15.29 36.51
N ASN A 225 25.43 15.01 36.11
CA ASN A 225 26.63 15.57 36.68
C ASN A 225 26.71 17.06 36.59
N LYS A 226 27.37 17.67 37.60
CA LYS A 226 27.76 19.06 37.61
C LYS A 226 28.87 19.26 36.61
N PRO A 227 29.05 20.41 35.97
CA PRO A 227 30.07 20.65 34.97
C PRO A 227 31.48 20.45 35.48
N ASN A 228 32.34 19.86 34.61
CA ASN A 228 33.77 19.72 34.79
C ASN A 228 34.41 20.98 34.26
N PRO A 229 35.73 21.15 34.32
CA PRO A 229 36.39 22.34 33.78
C PRO A 229 36.47 22.39 32.27
N ALA A 230 35.79 21.48 31.53
CA ALA A 230 35.63 21.64 30.11
C ALA A 230 34.40 20.89 29.71
N ALA A 231 33.71 21.36 28.66
CA ALA A 231 32.51 20.77 28.13
C ALA A 231 32.73 19.43 27.50
N ILE A 232 31.71 18.56 27.60
CA ILE A 232 31.68 17.26 26.96
C ILE A 232 30.40 17.29 26.19
N THR A 233 30.41 16.94 24.89
CA THR A 233 29.21 16.90 24.07
C THR A 233 28.74 15.49 24.03
N SER A 234 27.43 15.27 24.19
CA SER A 234 26.84 13.97 24.09
C SER A 234 25.80 13.99 23.01
N VAL A 235 25.68 12.86 22.27
CA VAL A 235 24.69 12.70 21.25
C VAL A 235 24.03 11.38 21.48
N ALA A 236 22.69 11.41 21.70
CA ALA A 236 21.84 10.28 21.95
C ALA A 236 21.15 9.87 20.68
N ARG A 237 21.34 8.61 20.22
CA ARG A 237 20.69 8.05 19.05
C ARG A 237 19.55 7.17 19.51
N ILE A 238 18.30 7.52 19.18
CA ILE A 238 17.07 6.84 19.54
C ILE A 238 16.68 5.77 18.54
N TYR A 239 16.55 4.49 18.97
CA TYR A 239 16.12 3.37 18.15
C TYR A 239 14.74 2.89 18.53
N PHE A 240 13.84 2.67 17.54
CA PHE A 240 12.48 2.14 17.73
C PHE A 240 12.33 0.80 17.05
N LYS A 241 11.68 -0.20 17.72
CA LYS A 241 11.33 -1.47 17.11
C LYS A 241 9.86 -1.79 17.34
N PRO A 242 8.95 -1.67 16.38
CA PRO A 242 7.58 -2.17 16.45
C PRO A 242 7.44 -3.67 16.58
N LYS A 243 7.01 -4.22 17.74
CA LYS A 243 6.67 -5.63 17.88
C LYS A 243 5.19 -5.80 18.09
N HIS A 244 4.68 -7.05 17.97
CA HIS A 244 3.27 -7.45 17.99
C HIS A 244 2.37 -6.72 17.02
N VAL A 245 2.86 -6.43 15.81
CA VAL A 245 2.19 -5.62 14.83
C VAL A 245 0.98 -6.28 14.22
N ARG A 246 -0.11 -5.50 13.97
CA ARG A 246 -1.23 -5.89 13.15
C ARG A 246 -1.45 -4.74 12.21
N ALA A 247 -1.72 -5.01 10.92
CA ALA A 247 -1.80 -3.99 9.90
C ALA A 247 -3.03 -4.14 9.07
N TRP A 248 -3.68 -3.01 8.71
CA TRP A 248 -4.87 -3.00 7.90
C TRP A 248 -4.70 -2.04 6.77
N VAL A 249 -5.32 -2.37 5.61
CA VAL A 249 -5.37 -1.62 4.38
C VAL A 249 -4.02 -1.28 3.79
N PRO A 250 -3.45 -2.07 2.89
CA PRO A 250 -2.18 -1.79 2.23
C PRO A 250 -2.30 -0.66 1.25
N ARG A 251 -1.25 0.16 1.09
CA ARG A 251 -1.22 1.31 0.22
C ARG A 251 -0.06 1.09 -0.72
N PRO A 252 -0.01 1.68 -1.92
CA PRO A 252 1.17 1.76 -2.77
C PRO A 252 2.39 2.30 -2.07
N PRO A 253 3.60 1.81 -2.23
CA PRO A 253 4.82 2.43 -1.74
C PRO A 253 5.02 3.83 -2.26
N ARG A 254 5.75 4.68 -1.50
CA ARG A 254 6.15 6.02 -1.85
C ARG A 254 7.05 5.98 -3.05
N LEU A 255 6.98 7.00 -3.94
CA LEU A 255 7.80 7.05 -5.13
C LEU A 255 8.63 8.30 -5.10
N CYS A 256 8.02 9.46 -4.82
CA CYS A 256 8.69 10.74 -4.79
C CYS A 256 9.40 10.93 -3.48
N PRO A 257 10.51 11.63 -3.37
CA PRO A 257 11.15 11.94 -2.10
C PRO A 257 10.26 12.77 -1.22
N TYR A 258 10.41 12.67 0.13
CA TYR A 258 9.72 13.51 1.09
C TYR A 258 10.42 14.83 1.14
N ILE A 259 9.70 15.88 1.61
CA ILE A 259 10.26 17.19 1.74
C ILE A 259 10.08 17.65 3.15
N ASN A 260 8.90 17.42 3.75
CA ASN A 260 8.57 17.94 5.05
C ASN A 260 8.12 16.77 5.86
N SER A 261 8.10 16.95 7.20
CA SER A 261 7.69 15.93 8.13
C SER A 261 6.38 16.29 8.75
N THR A 262 5.66 17.30 8.22
CA THR A 262 4.36 17.68 8.73
C THR A 262 3.32 17.57 7.66
N ASN A 263 3.68 17.11 6.45
CA ASN A 263 2.73 17.02 5.38
C ASN A 263 3.34 16.13 4.36
N VAL A 264 2.55 15.75 3.33
CA VAL A 264 2.88 14.73 2.39
C VAL A 264 3.38 15.35 1.10
N ASN A 265 3.75 16.66 1.12
CA ASN A 265 4.15 17.40 -0.06
C ASN A 265 5.31 16.79 -0.79
N PHE A 266 5.30 16.93 -2.12
CA PHE A 266 6.21 16.25 -3.00
C PHE A 266 6.19 17.11 -4.22
N GLU A 267 7.20 16.90 -5.11
CA GLU A 267 7.19 17.50 -6.41
C GLU A 267 7.34 16.34 -7.36
N PRO A 268 6.67 16.33 -8.52
CA PRO A 268 6.47 15.14 -9.33
C PRO A 268 7.77 14.65 -9.90
N LYS A 269 7.95 13.32 -9.99
CA LYS A 269 9.16 12.70 -10.48
C LYS A 269 8.73 11.81 -11.62
N PRO A 270 9.63 11.46 -12.56
CA PRO A 270 9.44 10.42 -13.56
C PRO A 270 8.94 9.11 -13.00
N VAL A 271 8.08 8.38 -13.74
CA VAL A 271 7.49 7.14 -13.32
C VAL A 271 8.51 6.06 -13.06
N THR A 272 9.49 5.88 -13.96
CA THR A 272 10.50 4.86 -13.84
C THR A 272 11.62 5.28 -14.72
N GLU A 273 12.82 4.68 -14.56
CA GLU A 273 13.99 4.97 -15.34
C GLU A 273 13.82 4.61 -16.80
N VAL A 274 14.29 5.50 -17.70
CA VAL A 274 14.28 5.38 -19.15
C VAL A 274 15.14 4.23 -19.59
N ARG A 275 14.77 3.53 -20.69
CA ARG A 275 15.61 2.52 -21.29
C ARG A 275 15.69 2.85 -22.74
N THR A 276 16.70 2.25 -23.40
CA THR A 276 17.14 2.56 -24.74
C THR A 276 16.12 2.41 -25.83
N ASN A 277 15.35 1.30 -25.83
CA ASN A 277 14.38 1.09 -26.87
C ASN A 277 13.34 0.14 -26.32
N ILE A 278 12.20 0.00 -27.04
CA ILE A 278 11.10 -0.83 -26.65
C ILE A 278 11.38 -2.29 -26.90
N ILE A 279 12.38 -2.59 -27.75
CA ILE A 279 12.92 -3.92 -27.90
C ILE A 279 14.32 -3.79 -27.41
N THR A 280 14.67 -4.60 -26.39
CA THR A 280 15.97 -4.57 -25.78
C THR A 280 16.26 -5.99 -25.45
N THR A 281 17.52 -6.42 -25.66
CA THR A 281 18.01 -7.71 -25.23
C THR A 281 18.39 -7.56 -23.76
N CYS B 7 -30.95 -22.88 -17.74
CA CYS B 7 -31.22 -21.51 -17.26
C CYS B 7 -31.58 -20.59 -18.41
N GLY B 8 -31.94 -19.34 -18.05
CA GLY B 8 -32.28 -18.30 -18.99
C GLY B 8 -31.49 -17.08 -18.64
N TYR B 9 -30.76 -17.13 -17.49
CA TYR B 9 -29.92 -16.07 -17.00
C TYR B 9 -28.74 -15.78 -17.87
N SER B 10 -28.31 -14.51 -17.84
CA SER B 10 -27.07 -14.04 -18.37
C SER B 10 -26.49 -13.29 -17.22
N ASP B 11 -25.16 -13.10 -17.23
CA ASP B 11 -24.42 -12.48 -16.16
C ASP B 11 -23.98 -11.12 -16.62
N ARG B 12 -24.56 -10.63 -17.74
CA ARG B 12 -24.30 -9.32 -18.25
C ARG B 12 -25.40 -8.37 -17.88
N VAL B 13 -26.53 -8.87 -17.35
CA VAL B 13 -27.62 -8.02 -16.94
C VAL B 13 -27.70 -8.04 -15.45
N ARG B 14 -27.90 -6.85 -14.84
CA ARG B 14 -27.94 -6.73 -13.41
C ARG B 14 -28.90 -5.63 -13.06
N SER B 15 -29.60 -5.79 -11.92
CA SER B 15 -30.59 -4.86 -11.43
C SER B 15 -30.29 -4.63 -9.99
N ILE B 16 -30.02 -3.37 -9.59
CA ILE B 16 -29.77 -3.03 -8.22
C ILE B 16 -30.89 -2.11 -7.86
N THR B 17 -31.67 -2.48 -6.82
CA THR B 17 -32.80 -1.72 -6.34
C THR B 17 -32.47 -1.43 -4.92
N LEU B 18 -32.56 -0.14 -4.53
CA LEU B 18 -32.22 0.26 -3.20
C LEU B 18 -33.07 1.46 -2.93
N GLY B 19 -33.99 1.38 -1.96
CA GLY B 19 -34.91 2.45 -1.66
C GLY B 19 -35.98 2.47 -2.70
N ASN B 20 -36.22 3.65 -3.31
CA ASN B 20 -37.19 3.86 -4.35
C ASN B 20 -36.47 4.13 -5.64
N SER B 21 -35.24 3.61 -5.80
CA SER B 21 -34.39 3.92 -6.91
C SER B 21 -33.83 2.64 -7.40
N THR B 22 -33.96 2.37 -8.73
CA THR B 22 -33.44 1.18 -9.36
C THR B 22 -32.58 1.60 -10.49
N ILE B 23 -31.34 1.10 -10.55
CA ILE B 23 -30.52 1.22 -11.73
C ILE B 23 -30.49 -0.15 -12.34
N THR B 24 -30.65 -0.22 -13.68
CA THR B 24 -30.48 -1.43 -14.46
C THR B 24 -29.25 -1.22 -15.27
N THR B 25 -28.55 -2.30 -15.65
CA THR B 25 -27.50 -2.21 -16.63
C THR B 25 -27.48 -3.51 -17.36
N GLN B 26 -27.24 -3.44 -18.69
CA GLN B 26 -27.24 -4.58 -19.57
C GLN B 26 -25.87 -4.94 -20.05
N GLU B 27 -24.82 -4.21 -19.61
CA GLU B 27 -23.47 -4.63 -19.87
C GLU B 27 -22.77 -4.29 -18.61
N CYS B 28 -22.18 -5.29 -17.93
CA CYS B 28 -21.38 -5.02 -16.78
C CYS B 28 -20.55 -6.25 -16.60
N ALA B 29 -19.52 -6.14 -15.75
CA ALA B 29 -18.73 -7.28 -15.38
C ALA B 29 -18.77 -7.30 -13.89
N ASN B 30 -19.55 -8.25 -13.33
CA ASN B 30 -19.71 -8.53 -11.92
C ASN B 30 -19.91 -7.29 -11.06
N VAL B 31 -19.61 -7.39 -9.74
CA VAL B 31 -19.64 -6.26 -8.85
C VAL B 31 -18.64 -6.53 -7.77
N VAL B 32 -17.72 -5.58 -7.55
CA VAL B 32 -16.64 -5.68 -6.59
C VAL B 32 -17.12 -5.30 -5.23
N VAL B 33 -17.16 -6.24 -4.28
CA VAL B 33 -17.43 -5.94 -2.90
C VAL B 33 -16.11 -5.67 -2.24
N GLY B 34 -15.85 -4.40 -1.88
CA GLY B 34 -14.65 -3.91 -1.22
C GLY B 34 -14.20 -4.77 -0.08
N TYR B 35 -13.02 -5.40 -0.20
CA TYR B 35 -12.35 -6.19 0.82
C TYR B 35 -13.17 -7.35 1.30
N GLY B 36 -14.12 -7.85 0.48
CA GLY B 36 -14.89 -9.02 0.80
C GLY B 36 -16.01 -8.81 1.77
N GLU B 37 -16.20 -7.58 2.32
CA GLU B 37 -17.13 -7.35 3.40
C GLU B 37 -18.22 -6.43 2.95
N TRP B 38 -19.47 -6.86 3.22
CA TRP B 38 -20.68 -6.16 2.87
C TRP B 38 -20.98 -5.21 4.01
N PRO B 39 -21.32 -3.93 3.81
CA PRO B 39 -21.64 -2.98 4.86
C PRO B 39 -22.79 -3.41 5.72
N GLU B 40 -22.75 -3.08 7.03
CA GLU B 40 -23.84 -3.40 7.93
C GLU B 40 -23.71 -2.48 9.11
N TYR B 41 -24.80 -2.37 9.91
CA TYR B 41 -24.91 -1.56 11.11
C TYR B 41 -23.91 -1.92 12.16
N LEU B 42 -23.53 -0.91 12.97
CA LEU B 42 -22.66 -1.01 14.12
C LEU B 42 -23.26 -1.92 15.17
N SER B 43 -22.41 -2.75 15.81
CA SER B 43 -22.81 -3.70 16.82
C SER B 43 -22.76 -3.06 18.17
N ASP B 44 -23.10 -3.83 19.23
CA ASP B 44 -23.14 -3.34 20.59
C ASP B 44 -21.86 -3.69 21.28
N ASN B 45 -20.88 -4.24 20.54
CA ASN B 45 -19.58 -4.55 21.09
C ASN B 45 -18.61 -3.50 20.65
N GLU B 46 -19.00 -2.67 19.67
CA GLU B 46 -18.12 -1.68 19.09
C GLU B 46 -18.71 -0.31 19.27
N ALA B 47 -19.83 -0.19 20.01
CA ALA B 47 -20.43 1.08 20.34
C ALA B 47 -19.55 1.86 21.28
N THR B 48 -19.54 3.20 21.15
CA THR B 48 -18.88 4.07 22.09
C THR B 48 -19.89 5.07 22.59
N ALA B 49 -20.67 5.68 21.67
CA ALA B 49 -21.75 6.60 21.99
C ALA B 49 -22.81 5.90 22.78
N GLU B 50 -23.45 6.62 23.71
CA GLU B 50 -24.40 6.05 24.61
C GLU B 50 -25.79 6.32 24.14
N ASP B 51 -26.04 7.49 23.50
CA ASP B 51 -27.35 7.85 23.00
C ASP B 51 -27.83 6.93 21.91
N GLN B 52 -29.16 6.76 21.82
CA GLN B 52 -29.85 5.94 20.87
C GLN B 52 -29.64 6.44 19.46
N PRO B 53 -29.06 5.74 18.49
CA PRO B 53 -28.93 6.18 17.12
C PRO B 53 -30.25 6.28 16.43
N THR B 54 -30.35 7.20 15.44
CA THR B 54 -31.44 7.23 14.50
C THR B 54 -30.94 6.51 13.28
N GLN B 55 -31.84 5.79 12.57
CA GLN B 55 -31.52 5.11 11.35
C GLN B 55 -32.64 5.47 10.41
N PRO B 56 -32.46 6.33 9.41
CA PRO B 56 -33.58 6.79 8.61
C PRO B 56 -34.00 5.81 7.55
N ASP B 57 -33.31 4.65 7.42
CA ASP B 57 -33.51 3.63 6.41
C ASP B 57 -33.80 4.17 5.02
N VAL B 58 -34.97 3.86 4.42
CA VAL B 58 -35.36 4.14 3.06
C VAL B 58 -35.23 5.58 2.62
N ALA B 59 -35.38 6.53 3.55
CA ALA B 59 -35.34 7.94 3.26
C ALA B 59 -33.98 8.44 2.90
N THR B 60 -32.91 7.80 3.39
CA THR B 60 -31.56 8.26 3.17
C THR B 60 -30.74 7.26 2.43
N CYS B 61 -31.32 6.16 1.92
CA CYS B 61 -30.59 5.18 1.16
C CYS B 61 -31.29 5.10 -0.13
N ARG B 62 -30.58 5.41 -1.24
CA ARG B 62 -31.17 5.57 -2.54
C ARG B 62 -30.13 6.23 -3.38
N PHE B 63 -30.21 6.07 -4.71
CA PHE B 63 -29.21 6.51 -5.65
C PHE B 63 -29.27 7.98 -5.97
N TYR B 64 -28.27 8.73 -5.47
CA TYR B 64 -28.03 10.13 -5.75
C TYR B 64 -27.12 10.26 -6.93
N THR B 65 -27.67 10.70 -8.09
CA THR B 65 -26.94 11.02 -9.30
C THR B 65 -26.24 12.35 -9.16
N LEU B 66 -24.88 12.33 -9.06
CA LEU B 66 -24.06 13.51 -9.00
C LEU B 66 -23.80 13.97 -10.40
N ASP B 67 -23.12 15.13 -10.56
CA ASP B 67 -22.82 15.76 -11.83
C ASP B 67 -21.97 14.89 -12.72
N SER B 68 -22.16 15.04 -14.05
CA SER B 68 -21.49 14.27 -15.06
C SER B 68 -20.65 15.14 -15.94
N VAL B 69 -19.35 14.78 -16.07
CA VAL B 69 -18.38 15.51 -16.83
C VAL B 69 -18.21 14.81 -18.15
N GLN B 70 -17.77 15.53 -19.21
CA GLN B 70 -17.51 14.98 -20.52
C GLN B 70 -16.12 14.50 -20.70
N TRP B 71 -15.98 13.25 -21.20
CA TRP B 71 -14.71 12.63 -21.49
C TRP B 71 -14.34 13.08 -22.86
N GLU B 72 -13.12 13.63 -22.99
CA GLU B 72 -12.57 14.09 -24.23
C GLU B 72 -11.24 13.47 -24.37
N ASN B 73 -10.66 13.56 -25.59
CA ASN B 73 -9.41 12.96 -25.96
C ASN B 73 -8.25 13.45 -25.13
N GLY B 74 -8.21 14.76 -24.82
CA GLY B 74 -7.11 15.36 -24.09
C GLY B 74 -7.27 15.36 -22.60
N SER B 75 -8.51 15.17 -22.06
CA SER B 75 -8.78 15.31 -20.65
C SER B 75 -7.98 14.36 -19.76
N PRO B 76 -7.58 14.71 -18.54
CA PRO B 76 -6.56 13.94 -17.85
C PRO B 76 -7.17 13.11 -16.74
N GLY B 77 -8.33 13.47 -16.16
CA GLY B 77 -8.94 12.67 -15.11
C GLY B 77 -9.66 13.55 -14.15
N TRP B 78 -10.44 12.92 -13.23
CA TRP B 78 -11.31 13.62 -12.30
C TRP B 78 -11.28 12.93 -10.97
N TRP B 79 -11.52 13.67 -9.85
CA TRP B 79 -11.73 13.05 -8.56
C TRP B 79 -12.84 13.76 -7.81
N TRP B 80 -13.55 13.00 -6.93
CA TRP B 80 -14.53 13.52 -5.99
C TRP B 80 -14.23 12.95 -4.64
N LYS B 81 -14.53 13.71 -3.55
CA LYS B 81 -14.28 13.32 -2.19
C LYS B 81 -15.56 13.08 -1.43
N PHE B 82 -15.67 11.88 -0.83
CA PHE B 82 -16.82 11.40 -0.10
C PHE B 82 -16.48 11.42 1.35
N PRO B 83 -17.40 11.65 2.27
CA PRO B 83 -18.82 11.86 2.06
C PRO B 83 -19.12 13.28 1.67
N ASP B 84 -18.12 14.18 1.66
CA ASP B 84 -18.24 15.59 1.39
C ASP B 84 -19.11 15.96 0.20
N ALA B 85 -19.02 15.17 -0.90
CA ALA B 85 -19.79 15.36 -2.12
C ALA B 85 -21.29 15.32 -1.97
N LEU B 86 -21.80 14.53 -1.01
CA LEU B 86 -23.21 14.26 -0.81
C LEU B 86 -23.88 15.28 0.06
N ARG B 87 -23.19 16.37 0.46
CA ARG B 87 -23.68 17.30 1.44
C ARG B 87 -24.89 18.10 1.04
N ASP B 88 -25.26 18.14 -0.26
CA ASP B 88 -26.46 18.83 -0.70
C ASP B 88 -27.49 17.86 -1.19
N MET B 89 -27.30 16.53 -1.01
CA MET B 89 -28.21 15.55 -1.52
C MET B 89 -29.25 15.24 -0.49
N GLY B 90 -30.44 15.86 -0.64
CA GLY B 90 -31.67 15.56 0.06
C GLY B 90 -31.55 15.40 1.54
N LEU B 91 -32.20 14.37 2.09
CA LEU B 91 -32.25 14.11 3.50
C LEU B 91 -30.99 13.52 4.04
N PHE B 92 -30.09 12.99 3.18
CA PHE B 92 -28.77 12.59 3.60
C PHE B 92 -28.06 13.81 4.10
N GLY B 93 -28.02 14.88 3.26
CA GLY B 93 -27.46 16.16 3.58
C GLY B 93 -27.97 16.72 4.87
N GLN B 94 -29.31 16.75 5.06
CA GLN B 94 -29.92 17.24 6.27
C GLN B 94 -29.51 16.53 7.54
N ASN B 95 -29.52 15.18 7.53
CA ASN B 95 -29.12 14.39 8.68
C ASN B 95 -27.69 14.63 9.03
N MET B 96 -26.83 14.75 8.00
CA MET B 96 -25.44 15.03 8.15
C MET B 96 -25.17 16.40 8.72
N TYR B 97 -26.06 17.36 8.43
CA TYR B 97 -25.97 18.72 8.87
C TYR B 97 -26.35 18.87 10.31
N TYR B 98 -27.40 18.14 10.78
CA TYR B 98 -27.85 18.19 12.15
C TYR B 98 -27.22 17.18 13.08
N HIS B 99 -26.26 16.33 12.65
CA HIS B 99 -25.67 15.36 13.54
C HIS B 99 -24.19 15.42 13.56
N TYR B 100 -23.63 15.42 14.79
CA TYR B 100 -22.22 15.33 15.08
C TYR B 100 -21.54 14.10 14.54
N LEU B 101 -22.13 12.89 14.68
CA LEU B 101 -21.50 11.66 14.24
C LEU B 101 -22.34 10.98 13.20
N GLY B 102 -21.70 10.38 12.18
CA GLY B 102 -22.39 9.65 11.13
C GLY B 102 -21.56 8.46 10.75
N ARG B 103 -22.21 7.38 10.26
CA ARG B 103 -21.53 6.20 9.77
C ARG B 103 -22.33 5.68 8.62
N ALA B 104 -21.70 5.28 7.48
CA ALA B 104 -22.42 4.70 6.36
C ALA B 104 -21.45 4.09 5.38
N GLY B 105 -21.88 3.03 4.63
CA GLY B 105 -21.16 2.48 3.48
C GLY B 105 -21.76 3.04 2.22
N TYR B 106 -21.20 2.74 1.02
CA TYR B 106 -21.71 3.31 -0.21
C TYR B 106 -21.55 2.39 -1.37
N THR B 107 -22.57 2.32 -2.26
CA THR B 107 -22.53 1.72 -3.57
C THR B 107 -22.21 2.74 -4.62
N ILE B 108 -20.97 2.74 -5.17
CA ILE B 108 -20.55 3.63 -6.22
C ILE B 108 -20.82 2.98 -7.55
N HIS B 109 -21.65 3.60 -8.43
CA HIS B 109 -21.95 3.09 -9.75
C HIS B 109 -21.62 4.07 -10.83
N VAL B 110 -20.48 3.91 -11.55
CA VAL B 110 -20.07 4.78 -12.64
C VAL B 110 -20.64 4.26 -13.92
N GLN B 111 -21.30 5.16 -14.70
CA GLN B 111 -21.99 4.91 -15.95
C GLN B 111 -21.32 5.64 -17.09
N CYS B 112 -21.10 4.94 -18.22
CA CYS B 112 -20.56 5.54 -19.43
C CYS B 112 -20.98 4.62 -20.54
N ASN B 113 -20.97 5.07 -21.82
CA ASN B 113 -21.31 4.19 -22.92
C ASN B 113 -20.81 4.79 -24.19
N ALA B 114 -20.66 3.94 -25.24
CA ALA B 114 -20.22 4.39 -26.53
C ALA B 114 -20.62 3.31 -27.50
N SER B 115 -20.53 3.60 -28.82
CA SER B 115 -20.75 2.62 -29.86
C SER B 115 -19.50 1.81 -30.07
N LYS B 116 -19.55 0.84 -30.99
CA LYS B 116 -18.50 -0.10 -31.30
C LYS B 116 -17.29 0.50 -31.95
N PHE B 117 -17.42 1.71 -32.53
CA PHE B 117 -16.35 2.35 -33.27
C PHE B 117 -15.67 3.39 -32.44
N HIS B 118 -15.72 3.25 -31.10
CA HIS B 118 -14.96 4.07 -30.20
C HIS B 118 -14.06 3.17 -29.44
N GLN B 119 -12.96 3.73 -28.90
CA GLN B 119 -12.02 3.00 -28.09
C GLN B 119 -11.61 3.91 -26.99
N GLY B 120 -11.08 3.35 -25.88
CA GLY B 120 -10.67 4.12 -24.73
C GLY B 120 -10.97 3.31 -23.49
N CYS B 121 -10.18 3.52 -22.42
CA CYS B 121 -10.27 2.71 -21.23
C CYS B 121 -9.99 3.56 -20.01
N ILE B 122 -10.95 3.62 -19.04
CA ILE B 122 -10.80 4.38 -17.80
C ILE B 122 -10.65 3.45 -16.62
N LEU B 123 -9.73 3.77 -15.70
CA LEU B 123 -9.60 3.16 -14.38
C LEU B 123 -10.59 3.80 -13.45
N VAL B 124 -11.41 3.00 -12.72
CA VAL B 124 -12.32 3.50 -11.71
C VAL B 124 -11.86 2.96 -10.38
N VAL B 125 -11.28 3.79 -9.47
CA VAL B 125 -10.73 3.29 -8.22
C VAL B 125 -11.16 4.14 -7.06
N CYS B 126 -11.52 3.49 -5.93
CA CYS B 126 -11.88 4.09 -4.67
C CYS B 126 -10.72 4.05 -3.71
N VAL B 127 -9.98 5.16 -3.52
CA VAL B 127 -8.83 5.22 -2.66
C VAL B 127 -9.25 5.66 -1.27
N PRO B 128 -9.29 4.85 -0.20
CA PRO B 128 -9.46 5.30 1.16
C PRO B 128 -8.31 6.14 1.63
N GLU B 129 -8.57 7.20 2.43
CA GLU B 129 -7.61 8.06 3.06
C GLU B 129 -6.58 8.62 2.12
N ALA B 130 -7.03 9.33 1.07
CA ALA B 130 -6.12 9.92 0.13
C ALA B 130 -5.78 11.29 0.61
N GLU B 131 -4.58 11.44 1.20
CA GLU B 131 -4.09 12.72 1.65
C GLU B 131 -3.31 13.20 0.47
N MET B 132 -3.45 14.50 0.11
CA MET B 132 -2.90 15.01 -1.12
C MET B 132 -1.91 16.08 -0.82
N GLY B 133 -0.93 16.24 -1.74
CA GLY B 133 0.17 17.18 -1.63
C GLY B 133 -0.26 18.60 -1.76
N SER B 134 0.70 19.48 -2.13
CA SER B 134 0.41 20.86 -2.41
C SER B 134 1.36 21.19 -3.50
N ALA B 135 0.90 21.99 -4.48
CA ALA B 135 1.63 22.43 -5.64
C ALA B 135 2.87 23.19 -5.27
N GLN B 136 2.74 24.10 -4.29
CA GLN B 136 3.85 24.79 -3.71
C GLN B 136 4.20 23.90 -2.56
N THR B 137 5.48 23.50 -2.44
CA THR B 137 5.89 22.52 -1.47
C THR B 137 6.31 23.15 -0.18
N SER B 138 6.21 24.49 -0.08
CA SER B 138 6.31 25.18 1.17
C SER B 138 4.93 25.61 1.56
N GLY B 139 3.97 25.61 0.61
CA GLY B 139 2.61 26.02 0.83
C GLY B 139 1.81 25.00 1.57
N VAL B 140 0.52 25.30 1.79
CA VAL B 140 -0.41 24.43 2.45
C VAL B 140 -1.68 24.61 1.67
N VAL B 141 -2.28 23.48 1.22
CA VAL B 141 -3.54 23.43 0.51
C VAL B 141 -4.68 23.88 1.41
N ASN B 142 -5.75 24.48 0.83
CA ASN B 142 -6.92 24.84 1.57
C ASN B 142 -8.11 24.27 0.85
N TYR B 143 -9.25 24.18 1.59
CA TYR B 143 -10.47 23.50 1.26
C TYR B 143 -10.95 23.60 -0.17
N GLU B 144 -11.07 24.83 -0.72
CA GLU B 144 -11.61 25.07 -2.03
C GLU B 144 -10.91 24.38 -3.18
N HIS B 145 -9.62 24.00 -3.02
CA HIS B 145 -8.88 23.27 -4.03
C HIS B 145 -8.83 21.80 -3.72
N ILE B 146 -9.51 21.34 -2.66
CA ILE B 146 -9.58 19.95 -2.31
C ILE B 146 -10.88 19.40 -2.80
N SER B 147 -11.95 20.23 -2.84
CA SER B 147 -13.23 19.75 -3.27
C SER B 147 -13.97 20.95 -3.76
N LYS B 148 -14.90 20.72 -4.71
CA LYS B 148 -15.82 21.72 -5.16
C LYS B 148 -17.21 21.22 -4.87
N GLY B 149 -17.35 20.34 -3.86
CA GLY B 149 -18.61 19.74 -3.49
C GLY B 149 -18.90 18.60 -4.40
N GLU B 150 -19.97 18.72 -5.22
CA GLU B 150 -20.43 17.66 -6.08
C GLU B 150 -19.92 17.87 -7.47
N ILE B 151 -19.18 18.98 -7.72
CA ILE B 151 -18.56 19.23 -8.99
C ILE B 151 -17.20 18.62 -8.89
N ALA B 152 -16.79 17.88 -9.95
CA ALA B 152 -15.54 17.20 -10.03
C ALA B 152 -14.35 18.11 -9.97
N SER B 153 -13.32 17.71 -9.19
CA SER B 153 -12.03 18.33 -9.19
C SER B 153 -11.23 17.69 -10.29
N ARG B 154 -10.64 18.50 -11.20
CA ARG B 154 -9.87 18.01 -12.31
C ARG B 154 -8.43 17.80 -11.93
N PHE B 155 -7.80 16.73 -12.47
CA PHE B 155 -6.36 16.57 -12.48
C PHE B 155 -5.82 17.48 -13.55
N THR B 156 -4.49 17.65 -13.61
CA THR B 156 -3.85 18.48 -14.59
C THR B 156 -2.72 17.65 -15.10
N THR B 157 -2.22 17.97 -16.31
CA THR B 157 -1.07 17.32 -16.90
C THR B 157 0.09 18.27 -16.97
N THR B 158 -0.01 19.44 -16.31
CA THR B 158 1.06 20.42 -16.28
C THR B 158 1.35 20.62 -14.83
N THR B 159 2.64 20.48 -14.46
CA THR B 159 3.13 20.50 -13.10
C THR B 159 2.83 21.77 -12.33
N THR B 160 3.01 22.96 -12.95
CA THR B 160 2.73 24.24 -12.35
C THR B 160 1.27 24.46 -12.09
N ALA B 161 0.96 25.19 -10.99
CA ALA B 161 -0.40 25.43 -10.58
C ALA B 161 -0.38 26.63 -9.68
N GLU B 162 -1.57 27.21 -9.46
CA GLU B 162 -1.82 28.38 -8.65
C GLU B 162 -1.46 28.20 -7.20
N ASP B 163 -1.66 29.29 -6.42
CA ASP B 163 -1.32 29.36 -5.02
C ASP B 163 -2.45 28.74 -4.25
N HIS B 164 -2.10 27.72 -3.43
CA HIS B 164 -2.98 26.82 -2.73
C HIS B 164 -3.54 25.79 -3.67
N GLY B 165 -3.00 25.70 -4.91
CA GLY B 165 -3.19 24.59 -5.80
C GLY B 165 -2.71 23.33 -5.16
N VAL B 166 -3.36 22.21 -5.50
CA VAL B 166 -2.93 20.90 -5.09
C VAL B 166 -2.12 20.39 -6.23
N GLN B 167 -0.99 19.69 -5.93
CA GLN B 167 -0.16 19.06 -6.93
C GLN B 167 -0.98 17.94 -7.50
N ALA B 168 -1.19 17.94 -8.83
CA ALA B 168 -2.15 17.06 -9.40
C ALA B 168 -1.67 16.59 -10.74
N ALA B 169 -0.34 16.36 -10.89
CA ALA B 169 0.22 15.78 -12.08
C ALA B 169 -0.15 14.33 -12.12
N VAL B 170 -0.92 13.93 -13.17
CA VAL B 170 -1.59 12.66 -13.34
C VAL B 170 -0.80 11.46 -12.89
N TRP B 171 0.42 11.31 -13.44
CA TRP B 171 1.27 10.17 -13.23
C TRP B 171 1.72 9.88 -11.82
N ASN B 172 1.58 10.84 -10.88
CA ASN B 172 1.90 10.59 -9.48
C ASN B 172 0.68 10.61 -8.64
N ALA B 173 -0.52 10.50 -9.26
CA ALA B 173 -1.80 10.37 -8.63
C ALA B 173 -2.20 11.46 -7.68
N GLY B 174 -1.43 12.56 -7.61
CA GLY B 174 -1.67 13.67 -6.72
C GLY B 174 -1.34 13.36 -5.28
N MET B 175 -0.42 12.42 -5.03
CA MET B 175 -0.12 12.03 -3.68
C MET B 175 1.18 11.26 -3.61
N GLY B 176 1.98 11.33 -4.69
CA GLY B 176 3.36 10.94 -4.68
C GLY B 176 3.62 9.48 -4.84
N VAL B 177 2.68 8.72 -5.43
CA VAL B 177 2.85 7.31 -5.65
C VAL B 177 2.60 7.11 -7.10
N GLY B 178 3.30 6.15 -7.74
CA GLY B 178 3.10 5.83 -9.15
C GLY B 178 1.70 5.39 -9.39
N VAL B 179 1.01 6.07 -10.34
CA VAL B 179 -0.38 5.83 -10.70
C VAL B 179 -0.70 4.39 -11.03
N GLY B 180 0.25 3.66 -11.62
CA GLY B 180 0.09 2.28 -12.03
C GLY B 180 -0.13 1.30 -10.91
N ASN B 181 0.16 1.70 -9.66
CA ASN B 181 -0.04 0.85 -8.52
C ASN B 181 -1.35 1.10 -7.81
N LEU B 182 -2.18 2.10 -8.24
CA LEU B 182 -3.45 2.40 -7.59
C LEU B 182 -4.42 1.25 -7.50
N THR B 183 -4.28 0.28 -8.42
CA THR B 183 -5.01 -0.95 -8.51
C THR B 183 -5.08 -1.79 -7.25
N ILE B 184 -4.17 -1.62 -6.26
CA ILE B 184 -4.24 -2.30 -4.99
C ILE B 184 -5.51 -2.02 -4.20
N PHE B 185 -6.13 -0.84 -4.38
CA PHE B 185 -7.39 -0.47 -3.76
C PHE B 185 -8.52 -1.03 -4.60
N PRO B 186 -9.75 -1.23 -4.11
CA PRO B 186 -10.89 -1.72 -4.87
C PRO B 186 -11.11 -0.95 -6.15
N HIS B 187 -11.08 -1.62 -7.31
CA HIS B 187 -11.13 -0.94 -8.57
C HIS B 187 -11.82 -1.80 -9.58
N GLN B 188 -12.32 -1.16 -10.67
CA GLN B 188 -12.74 -1.84 -11.86
C GLN B 188 -12.23 -1.02 -13.01
N TRP B 189 -12.45 -1.51 -14.25
CA TRP B 189 -12.08 -0.77 -15.44
C TRP B 189 -13.29 -0.77 -16.30
N ILE B 190 -13.64 0.39 -16.90
CA ILE B 190 -14.60 0.43 -17.96
C ILE B 190 -13.75 0.56 -19.18
N ASN B 191 -13.57 -0.59 -19.87
CA ASN B 191 -12.93 -0.71 -21.15
C ASN B 191 -14.03 -0.78 -22.16
N LEU B 192 -14.15 0.26 -23.02
CA LEU B 192 -15.20 0.34 -24.02
C LEU B 192 -14.95 -0.74 -25.05
N ARG B 193 -15.80 -1.77 -25.03
CA ARG B 193 -15.88 -2.84 -25.99
C ARG B 193 -16.54 -3.96 -25.26
N THR B 194 -16.29 -4.09 -23.94
CA THR B 194 -16.83 -5.15 -23.13
C THR B 194 -17.94 -4.56 -22.32
N ASN B 195 -17.65 -4.09 -21.09
CA ASN B 195 -18.61 -3.55 -20.18
C ASN B 195 -18.81 -2.10 -20.47
N ASN B 196 -19.74 -1.45 -19.73
CA ASN B 196 -19.95 -0.05 -19.87
C ASN B 196 -20.36 0.50 -18.52
N SER B 197 -20.05 -0.18 -17.41
CA SER B 197 -20.33 0.38 -16.12
C SER B 197 -19.45 -0.30 -15.11
N ALA B 198 -19.22 0.38 -13.97
CA ALA B 198 -18.48 -0.17 -12.86
C ALA B 198 -19.34 -0.08 -11.65
N THR B 199 -19.24 -1.05 -10.72
CA THR B 199 -19.99 -1.04 -9.50
C THR B 199 -19.05 -1.49 -8.42
N ILE B 200 -18.74 -0.60 -7.46
CA ILE B 200 -17.89 -0.91 -6.34
C ILE B 200 -18.75 -0.69 -5.12
N VAL B 201 -18.94 -1.73 -4.30
CA VAL B 201 -19.64 -1.63 -3.04
C VAL B 201 -18.58 -1.46 -2.00
N MET B 202 -18.34 -0.20 -1.60
CA MET B 202 -17.31 0.19 -0.67
C MET B 202 -17.89 0.12 0.73
N PRO B 203 -17.40 -0.64 1.70
CA PRO B 203 -17.93 -0.63 3.05
C PRO B 203 -17.25 0.48 3.79
N TYR B 204 -17.74 0.82 5.01
CA TYR B 204 -17.15 1.80 5.88
C TYR B 204 -15.82 1.30 6.36
N VAL B 205 -14.74 2.07 6.13
CA VAL B 205 -13.43 1.72 6.63
C VAL B 205 -12.91 2.95 7.30
N ASN B 206 -12.65 2.86 8.62
CA ASN B 206 -12.08 3.94 9.37
C ASN B 206 -11.51 3.27 10.59
N SER B 207 -10.69 3.99 11.38
CA SER B 207 -10.00 3.46 12.53
C SER B 207 -10.76 3.71 13.80
N VAL B 208 -12.02 4.16 13.71
CA VAL B 208 -12.74 4.61 14.86
C VAL B 208 -14.18 4.37 14.48
N PRO B 209 -15.15 4.11 15.35
CA PRO B 209 -16.40 3.53 14.92
C PRO B 209 -17.29 4.46 14.14
N MET B 210 -17.38 5.74 14.51
CA MET B 210 -18.18 6.70 13.79
C MET B 210 -17.34 7.91 13.75
N ASP B 211 -17.61 8.87 12.83
CA ASP B 211 -16.83 10.08 12.84
C ASP B 211 -17.72 11.19 12.35
N ASN B 212 -17.23 12.44 12.50
CA ASN B 212 -17.84 13.64 11.99
C ASN B 212 -17.68 13.68 10.50
N MET B 213 -18.79 13.95 9.79
CA MET B 213 -18.90 13.87 8.37
C MET B 213 -18.26 15.04 7.66
N TYR B 214 -18.07 16.20 8.31
CA TYR B 214 -17.47 17.34 7.67
C TYR B 214 -15.99 17.31 7.72
N ARG B 215 -15.39 17.15 8.91
CA ARG B 215 -13.96 17.17 9.08
C ARG B 215 -13.22 16.11 8.34
N HIS B 216 -13.70 14.86 8.39
CA HIS B 216 -12.99 13.73 7.87
C HIS B 216 -13.52 13.43 6.50
N HIS B 217 -12.65 12.99 5.57
CA HIS B 217 -13.06 12.58 4.26
C HIS B 217 -12.62 11.16 4.16
N ASN B 218 -13.60 10.22 4.13
CA ASN B 218 -13.33 8.80 4.14
C ASN B 218 -12.60 8.27 2.93
N PHE B 219 -13.00 8.67 1.70
CA PHE B 219 -12.32 8.12 0.55
C PHE B 219 -12.58 8.99 -0.63
N THR B 220 -11.71 8.86 -1.65
CA THR B 220 -11.75 9.66 -2.84
C THR B 220 -11.97 8.72 -3.98
N LEU B 221 -12.97 9.01 -4.83
CA LEU B 221 -13.22 8.33 -6.07
C LEU B 221 -12.43 8.96 -7.17
N MET B 222 -11.40 8.27 -7.71
CA MET B 222 -10.59 8.74 -8.81
C MET B 222 -10.94 8.01 -10.08
N ILE B 223 -11.25 8.76 -11.17
CA ILE B 223 -11.47 8.25 -12.50
C ILE B 223 -10.38 8.75 -13.41
N ILE B 224 -9.42 7.86 -13.80
CA ILE B 224 -8.28 8.22 -14.61
C ILE B 224 -8.31 7.48 -15.96
N PRO B 225 -8.42 8.12 -17.12
CA PRO B 225 -8.29 7.54 -18.45
C PRO B 225 -6.90 7.05 -18.80
N PHE B 226 -6.61 5.73 -18.70
CA PHE B 226 -5.33 5.19 -19.10
C PHE B 226 -5.13 5.09 -20.58
N VAL B 227 -6.18 4.76 -21.37
CA VAL B 227 -6.09 4.76 -22.82
C VAL B 227 -7.04 5.83 -23.28
N PRO B 228 -6.60 6.86 -24.01
CA PRO B 228 -7.39 8.00 -24.41
C PRO B 228 -8.57 7.62 -25.26
N LEU B 229 -9.66 8.38 -25.15
CA LEU B 229 -10.86 8.24 -25.96
C LEU B 229 -10.51 8.56 -27.37
N ASP B 230 -10.86 7.67 -28.32
CA ASP B 230 -10.60 7.98 -29.70
C ASP B 230 -11.68 7.33 -30.51
N PHE B 231 -11.96 7.94 -31.68
CA PHE B 231 -12.97 7.51 -32.60
C PHE B 231 -12.61 8.14 -33.91
N SER B 232 -13.14 7.57 -35.03
CA SER B 232 -12.93 8.10 -36.35
C SER B 232 -13.98 9.13 -36.62
N ALA B 233 -13.61 10.19 -37.36
CA ALA B 233 -14.44 11.29 -37.83
C ALA B 233 -15.90 11.03 -38.05
N GLY B 234 -16.75 11.92 -37.49
CA GLY B 234 -18.17 11.97 -37.74
C GLY B 234 -18.90 10.83 -37.08
N ALA B 235 -18.51 10.48 -35.84
CA ALA B 235 -19.10 9.37 -35.15
C ALA B 235 -19.41 9.78 -33.74
N SER B 236 -19.94 11.01 -33.55
CA SER B 236 -20.28 11.60 -32.28
C SER B 236 -19.04 12.05 -31.58
N THR B 237 -19.15 13.12 -30.77
CA THR B 237 -17.99 13.74 -30.18
C THR B 237 -18.22 14.00 -28.72
N TYR B 238 -19.44 13.71 -28.22
CA TYR B 238 -19.80 14.00 -26.85
C TYR B 238 -20.09 12.68 -26.23
N VAL B 239 -19.31 12.29 -25.19
CA VAL B 239 -19.56 11.10 -24.42
C VAL B 239 -19.34 11.45 -22.96
N PRO B 240 -20.38 11.66 -22.17
CA PRO B 240 -20.25 11.99 -20.76
C PRO B 240 -20.02 10.77 -19.92
N ILE B 241 -19.60 10.98 -18.65
CA ILE B 241 -19.39 9.96 -17.66
C ILE B 241 -20.21 10.40 -16.47
N THR B 242 -21.23 9.61 -16.07
CA THR B 242 -22.11 9.96 -14.97
C THR B 242 -21.84 9.05 -13.80
N VAL B 243 -21.51 9.63 -12.62
CA VAL B 243 -21.28 8.90 -11.39
C VAL B 243 -22.49 9.02 -10.49
N THR B 244 -23.13 7.87 -10.18
CA THR B 244 -24.28 7.75 -9.32
C THR B 244 -23.87 7.01 -8.07
N VAL B 245 -24.18 7.52 -6.84
CA VAL B 245 -23.78 6.86 -5.61
C VAL B 245 -24.94 6.76 -4.67
N ALA B 246 -25.11 5.60 -3.98
CA ALA B 246 -26.12 5.35 -2.98
C ALA B 246 -25.53 5.06 -1.61
N PRO B 247 -25.78 5.81 -0.54
CA PRO B 247 -25.50 5.45 0.85
C PRO B 247 -26.20 4.21 1.31
N MET B 248 -25.53 3.38 2.14
CA MET B 248 -26.07 2.16 2.71
C MET B 248 -25.85 2.16 4.19
N CYS B 249 -26.86 1.68 4.95
CA CYS B 249 -26.82 1.51 6.39
C CYS B 249 -26.43 2.71 7.19
N ALA B 250 -26.91 3.90 6.79
CA ALA B 250 -26.53 5.15 7.40
C ALA B 250 -27.19 5.30 8.74
N GLU B 251 -26.40 5.61 9.79
CA GLU B 251 -26.91 5.82 11.12
C GLU B 251 -26.15 6.95 11.72
N TYR B 252 -26.84 7.76 12.54
CA TYR B 252 -26.34 9.01 13.09
C TYR B 252 -26.57 9.09 14.57
N ASN B 253 -25.54 9.55 15.32
CA ASN B 253 -25.60 9.77 16.74
C ASN B 253 -25.30 11.22 16.96
N GLY B 254 -25.70 11.76 18.14
CA GLY B 254 -25.37 13.11 18.54
C GLY B 254 -26.08 14.18 17.79
N LEU B 255 -27.28 14.59 18.27
CA LEU B 255 -28.13 15.54 17.60
C LEU B 255 -27.98 16.84 18.34
N ARG B 256 -27.83 17.94 17.57
CA ARG B 256 -27.72 19.28 18.08
C ARG B 256 -28.10 20.15 16.93
N LEU B 257 -28.10 21.49 17.13
CA LEU B 257 -28.41 22.49 16.14
C LEU B 257 -27.53 22.42 14.92
N ALA B 258 -28.08 22.74 13.74
CA ALA B 258 -27.39 22.81 12.48
C ALA B 258 -26.31 23.84 12.45
N GLY B 259 -25.24 23.58 11.67
CA GLY B 259 -24.08 24.43 11.66
C GLY B 259 -22.89 23.66 11.21
N HIS B 260 -21.76 24.39 11.01
CA HIS B 260 -20.46 23.83 10.78
C HIS B 260 -19.65 24.32 11.94
N GLN B 261 -19.67 25.65 12.16
CA GLN B 261 -19.18 26.29 13.36
C GLN B 261 -20.03 27.56 13.56
N GLY C 1 24.69 -15.61 45.54
CA GLY C 1 24.17 -17.00 45.56
C GLY C 1 24.60 -17.72 44.33
N LEU C 2 23.64 -18.35 43.62
CA LEU C 2 23.74 -19.10 42.39
C LEU C 2 24.86 -18.66 41.47
N PRO C 3 25.85 -19.47 41.11
CA PRO C 3 26.96 -18.92 40.34
C PRO C 3 27.25 -19.78 39.14
N THR C 4 27.54 -19.30 37.89
CA THR C 4 27.05 -18.21 37.06
C THR C 4 28.22 -17.48 36.49
N MET C 5 28.23 -17.24 35.16
CA MET C 5 29.32 -16.61 34.47
C MET C 5 28.76 -16.06 33.20
N ASN C 6 29.41 -15.02 32.64
CA ASN C 6 29.07 -14.43 31.36
C ASN C 6 29.76 -15.17 30.28
N THR C 7 29.27 -14.99 29.03
CA THR C 7 29.82 -15.60 27.84
C THR C 7 29.99 -14.49 26.85
N PRO C 8 30.77 -14.62 25.79
CA PRO C 8 30.84 -13.68 24.69
C PRO C 8 29.50 -13.35 24.12
N GLY C 9 29.17 -12.05 23.99
CA GLY C 9 27.92 -11.58 23.48
C GLY C 9 27.11 -10.97 24.56
N SER C 10 27.76 -10.53 25.67
CA SER C 10 27.08 -9.90 26.77
C SER C 10 27.24 -8.44 26.60
N ASN C 11 26.18 -7.67 26.91
CA ASN C 11 26.16 -6.23 26.83
C ASN C 11 26.41 -5.72 25.45
N GLN C 12 25.71 -6.28 24.44
CA GLN C 12 25.85 -5.81 23.10
C GLN C 12 24.48 -5.78 22.53
N PHE C 13 24.13 -4.64 21.92
CA PHE C 13 22.87 -4.39 21.29
C PHE C 13 22.96 -4.91 19.90
N LEU C 14 22.07 -5.86 19.55
CA LEU C 14 21.93 -6.41 18.23
C LEU C 14 20.58 -5.98 17.79
N THR C 15 20.50 -5.44 16.57
CA THR C 15 19.30 -4.92 15.96
C THR C 15 18.20 -5.91 15.80
N SER C 16 18.52 -7.16 15.40
CA SER C 16 17.55 -8.17 15.10
C SER C 16 17.25 -9.08 16.26
N ASP C 17 17.69 -8.73 17.49
CA ASP C 17 17.48 -9.52 18.69
C ASP C 17 16.03 -9.60 19.08
N ASP C 18 15.72 -10.33 20.18
CA ASP C 18 14.36 -10.54 20.58
C ASP C 18 14.43 -11.04 21.99
N PHE C 19 14.16 -10.13 22.96
CA PHE C 19 14.22 -10.42 24.37
C PHE C 19 13.07 -9.69 24.99
N GLN C 20 12.72 -10.08 26.23
CA GLN C 20 11.73 -9.41 27.03
C GLN C 20 12.38 -8.23 27.70
N SER C 21 11.59 -7.21 28.05
CA SER C 21 12.11 -6.01 28.66
C SER C 21 11.01 -5.41 29.48
N PRO C 22 11.27 -4.76 30.60
CA PRO C 22 10.25 -4.17 31.47
C PRO C 22 9.41 -3.13 30.77
N SER C 23 8.12 -3.02 31.14
CA SER C 23 7.21 -2.01 30.65
C SER C 23 7.51 -0.68 31.30
N ALA C 24 7.08 0.42 30.66
CA ALA C 24 7.34 1.75 31.14
C ALA C 24 6.13 2.31 31.84
N MET C 25 4.93 1.73 31.60
CA MET C 25 3.76 2.06 32.38
C MET C 25 3.20 0.76 32.83
N PRO C 26 3.32 0.38 34.09
CA PRO C 26 2.68 -0.78 34.65
C PRO C 26 1.18 -0.72 34.55
N GLN C 27 0.55 -1.85 34.18
CA GLN C 27 -0.87 -2.04 34.07
C GLN C 27 -1.58 -1.00 33.24
N PHE C 28 -1.06 -0.68 32.04
CA PHE C 28 -1.72 0.26 31.16
C PHE C 28 -2.91 -0.44 30.57
N ASP C 29 -4.04 0.28 30.41
CA ASP C 29 -5.24 -0.28 29.82
C ASP C 29 -5.25 0.05 28.35
N VAL C 30 -4.96 -0.94 27.51
CA VAL C 30 -5.03 -0.85 26.06
C VAL C 30 -6.46 -0.65 25.62
N THR C 31 -6.69 0.17 24.56
CA THR C 31 -7.99 0.43 23.97
C THR C 31 -8.52 -0.84 23.34
N PRO C 32 -9.74 -1.31 23.57
CA PRO C 32 -10.28 -2.54 23.01
C PRO C 32 -10.29 -2.54 21.51
N GLU C 33 -9.99 -3.71 20.89
CA GLU C 33 -9.98 -3.92 19.47
C GLU C 33 -11.34 -3.80 18.86
N MET C 34 -11.41 -3.36 17.59
CA MET C 34 -12.63 -3.39 16.81
C MET C 34 -12.22 -4.14 15.57
N HIS C 35 -13.06 -4.09 14.51
CA HIS C 35 -12.84 -4.89 13.33
C HIS C 35 -11.86 -4.24 12.39
N ILE C 36 -12.34 -3.40 11.45
CA ILE C 36 -11.60 -2.75 10.38
C ILE C 36 -11.52 -3.73 9.23
N PRO C 37 -12.28 -3.59 8.16
CA PRO C 37 -12.14 -4.37 6.93
C PRO C 37 -10.79 -4.31 6.30
N GLY C 38 -10.33 -5.42 5.69
CA GLY C 38 -9.14 -5.49 4.89
C GLY C 38 -7.94 -5.57 5.77
N GLU C 39 -7.42 -6.79 5.98
CA GLU C 39 -6.31 -7.00 6.87
C GLU C 39 -5.31 -7.83 6.14
N VAL C 40 -4.08 -7.29 5.96
CA VAL C 40 -2.97 -8.03 5.46
C VAL C 40 -2.33 -8.67 6.64
N ARG C 41 -1.61 -9.78 6.43
CA ARG C 41 -0.84 -10.36 7.49
C ARG C 41 0.33 -11.06 6.89
N ASN C 42 0.71 -10.67 5.65
CA ASN C 42 1.77 -11.31 4.94
C ASN C 42 1.85 -10.58 3.64
N LEU C 43 3.00 -9.95 3.36
CA LEU C 43 3.29 -9.16 2.19
C LEU C 43 3.03 -9.81 0.86
N MET C 44 3.06 -11.15 0.78
CA MET C 44 2.76 -11.86 -0.44
C MET C 44 1.37 -11.66 -0.94
N GLU C 45 0.41 -11.40 -0.02
CA GLU C 45 -0.95 -11.04 -0.34
C GLU C 45 -1.02 -9.81 -1.20
N ILE C 46 -0.06 -8.87 -1.04
CA ILE C 46 0.06 -7.66 -1.82
C ILE C 46 0.66 -7.99 -3.16
N ALA C 47 1.76 -8.77 -3.19
CA ALA C 47 2.47 -9.18 -4.39
C ALA C 47 1.65 -9.92 -5.42
N GLU C 48 0.58 -10.60 -4.97
CA GLU C 48 -0.31 -11.34 -5.81
C GLU C 48 -1.33 -10.49 -6.54
N VAL C 49 -1.41 -9.18 -6.23
CA VAL C 49 -2.32 -8.27 -6.89
C VAL C 49 -1.67 -7.75 -8.13
N ASP C 50 -2.49 -7.52 -9.19
CA ASP C 50 -2.06 -7.06 -10.50
C ASP C 50 -1.76 -5.59 -10.50
N SER C 51 -0.49 -5.21 -10.78
CA SER C 51 -0.09 -3.85 -11.08
C SER C 51 0.03 -3.71 -12.57
N VAL C 52 -0.01 -2.47 -13.14
CA VAL C 52 0.22 -2.29 -14.56
C VAL C 52 1.63 -1.86 -14.82
N MET C 53 2.33 -2.58 -15.74
CA MET C 53 3.68 -2.34 -16.20
C MET C 53 3.82 -1.17 -17.13
N PRO C 54 4.79 -0.28 -16.99
CA PRO C 54 5.08 0.72 -18.00
C PRO C 54 6.10 0.17 -18.98
N ILE C 55 5.69 -0.65 -19.98
CA ILE C 55 6.59 -1.20 -20.98
C ILE C 55 7.18 -0.13 -21.87
N ASN C 56 6.32 0.78 -22.39
CA ASN C 56 6.76 1.87 -23.25
C ASN C 56 7.53 2.81 -22.38
N ASN C 57 8.77 3.16 -22.78
CA ASN C 57 9.72 3.61 -21.80
C ASN C 57 10.93 4.13 -22.52
N ASP C 58 10.75 4.57 -23.78
CA ASP C 58 11.85 4.85 -24.68
C ASP C 58 12.51 6.17 -24.43
N SER C 59 11.81 7.16 -23.83
CA SER C 59 12.39 8.47 -23.67
C SER C 59 11.69 9.16 -22.54
N ALA C 60 12.38 10.15 -21.93
CA ALA C 60 11.91 10.93 -20.80
C ALA C 60 10.56 11.55 -20.98
N ALA C 61 10.27 12.02 -22.22
CA ALA C 61 9.04 12.65 -22.59
C ALA C 61 7.82 11.84 -22.28
N LYS C 62 7.82 10.56 -22.69
CA LYS C 62 6.71 9.67 -22.48
C LYS C 62 6.71 9.07 -21.10
N VAL C 63 7.88 9.05 -20.44
CA VAL C 63 8.05 8.50 -19.12
C VAL C 63 7.48 9.39 -18.05
N SER C 64 7.39 10.71 -18.30
CA SER C 64 6.71 11.61 -17.38
C SER C 64 5.34 11.96 -17.89
N SER C 65 4.55 10.94 -18.30
CA SER C 65 3.22 11.15 -18.77
C SER C 65 2.56 9.80 -18.77
N MET C 66 1.29 9.73 -19.16
CA MET C 66 0.53 8.50 -19.21
C MET C 66 0.93 7.59 -20.34
N GLU C 67 1.65 8.12 -21.35
CA GLU C 67 2.13 7.42 -22.52
C GLU C 67 2.85 6.14 -22.22
N ALA C 68 3.68 6.16 -21.15
CA ALA C 68 4.44 5.07 -20.61
C ALA C 68 3.74 3.74 -20.53
N TYR C 69 2.44 3.71 -20.19
CA TYR C 69 1.73 2.48 -19.96
C TYR C 69 1.15 1.86 -21.20
N ARG C 70 0.94 2.61 -22.30
CA ARG C 70 0.24 2.11 -23.45
C ARG C 70 1.19 1.75 -24.56
N VAL C 71 1.22 0.45 -24.95
CA VAL C 71 2.00 -0.06 -26.05
C VAL C 71 1.17 0.07 -27.30
N GLU C 72 1.69 0.80 -28.30
CA GLU C 72 1.03 1.09 -29.56
C GLU C 72 1.03 -0.05 -30.56
N LEU C 73 -0.16 -0.51 -30.96
CA LEU C 73 -0.35 -1.46 -32.02
C LEU C 73 -0.88 -0.70 -33.20
N SER C 74 -0.68 -1.22 -34.43
CA SER C 74 -1.09 -0.56 -35.65
C SER C 74 -1.56 -1.61 -36.61
N THR C 75 -2.53 -1.24 -37.48
CA THR C 75 -3.08 -2.07 -38.52
C THR C 75 -2.14 -2.07 -39.70
N ASN C 76 -2.25 -3.10 -40.57
CA ASN C 76 -1.42 -3.33 -41.74
C ASN C 76 0.03 -3.41 -41.39
N THR C 77 0.37 -4.36 -40.50
CA THR C 77 1.72 -4.64 -40.12
C THR C 77 1.93 -6.06 -40.52
N ASN C 78 3.09 -6.35 -41.14
CA ASN C 78 3.45 -7.67 -41.62
C ASN C 78 3.52 -8.65 -40.48
N ALA C 79 3.13 -9.91 -40.73
CA ALA C 79 3.09 -10.92 -39.72
C ALA C 79 4.50 -11.29 -39.35
N GLY C 80 4.73 -11.65 -38.07
CA GLY C 80 6.05 -11.94 -37.58
C GLY C 80 6.89 -10.72 -37.36
N THR C 81 6.30 -9.66 -36.74
CA THR C 81 6.99 -8.44 -36.45
C THR C 81 6.97 -8.37 -34.97
N GLN C 82 8.10 -8.01 -34.33
CA GLN C 82 8.20 -7.96 -32.90
C GLN C 82 7.51 -6.73 -32.39
N VAL C 83 6.59 -6.89 -31.43
CA VAL C 83 5.91 -5.81 -30.78
C VAL C 83 6.80 -5.22 -29.72
N PHE C 84 7.40 -6.07 -28.86
CA PHE C 84 8.33 -5.59 -27.85
C PHE C 84 9.10 -6.75 -27.32
N GLY C 85 10.15 -6.44 -26.52
CA GLY C 85 11.02 -7.42 -25.95
C GLY C 85 11.73 -6.77 -24.81
N PHE C 86 12.08 -7.56 -23.77
CA PHE C 86 12.90 -7.12 -22.68
C PHE C 86 13.24 -8.38 -21.96
N GLN C 87 14.41 -8.43 -21.27
CA GLN C 87 14.74 -9.59 -20.48
C GLN C 87 14.10 -9.50 -19.15
N LEU C 88 13.58 -10.66 -18.69
CA LEU C 88 12.98 -10.87 -17.40
C LEU C 88 14.07 -10.83 -16.39
N ASN C 89 13.89 -10.03 -15.32
CA ASN C 89 14.75 -10.00 -14.18
C ASN C 89 14.11 -8.96 -13.30
N PRO C 90 13.00 -9.24 -12.62
CA PRO C 90 12.31 -8.28 -11.80
C PRO C 90 13.17 -7.72 -10.70
N GLY C 91 12.96 -6.44 -10.33
CA GLY C 91 13.69 -5.78 -9.28
C GLY C 91 15.07 -5.43 -9.69
N ALA C 92 15.32 -5.30 -11.01
CA ALA C 92 16.59 -4.87 -11.50
C ALA C 92 16.42 -4.55 -12.95
N GLU C 93 15.24 -4.83 -13.51
CA GLU C 93 14.88 -4.51 -14.87
C GLU C 93 13.91 -3.40 -14.72
N SER C 94 14.13 -2.31 -15.49
CA SER C 94 13.40 -1.06 -15.43
C SER C 94 11.92 -1.19 -15.64
N VAL C 95 11.50 -2.12 -16.51
CA VAL C 95 10.13 -2.38 -16.85
C VAL C 95 9.27 -2.78 -15.67
N MET C 96 9.77 -3.67 -14.79
CA MET C 96 9.01 -4.15 -13.64
C MET C 96 9.54 -3.57 -12.37
N ASN C 97 10.48 -2.62 -12.45
CA ASN C 97 11.20 -2.14 -11.30
C ASN C 97 10.36 -1.48 -10.23
N ARG C 98 9.40 -0.62 -10.64
CA ARG C 98 8.65 0.20 -9.72
C ARG C 98 7.20 -0.20 -9.68
N THR C 99 6.85 -1.42 -10.15
CA THR C 99 5.51 -1.95 -10.05
C THR C 99 5.34 -2.49 -8.65
N LEU C 100 4.12 -2.94 -8.25
CA LEU C 100 3.88 -3.44 -6.91
C LEU C 100 4.78 -4.59 -6.55
N MET C 101 4.86 -5.60 -7.44
CA MET C 101 5.71 -6.75 -7.26
C MET C 101 7.15 -6.36 -7.12
N GLY C 102 7.63 -5.45 -7.99
CA GLY C 102 8.98 -4.94 -7.99
C GLY C 102 9.35 -4.29 -6.69
N GLU C 103 8.50 -3.39 -6.18
CA GLU C 103 8.73 -2.66 -4.96
C GLU C 103 8.89 -3.57 -3.77
N ILE C 104 8.01 -4.59 -3.64
CA ILE C 104 8.11 -5.59 -2.60
C ILE C 104 9.42 -6.33 -2.71
N LEU C 105 9.80 -6.80 -3.92
CA LEU C 105 11.03 -7.51 -4.18
C LEU C 105 12.28 -6.82 -3.73
N ASN C 106 12.38 -5.49 -3.90
CA ASN C 106 13.56 -4.73 -3.58
C ASN C 106 13.87 -4.60 -2.11
N TYR C 107 13.05 -5.19 -1.22
CA TYR C 107 13.40 -5.35 0.17
C TYR C 107 13.99 -6.70 0.45
N TYR C 108 14.27 -7.52 -0.58
CA TYR C 108 14.79 -8.85 -0.37
C TYR C 108 15.89 -9.09 -1.34
N ALA C 109 16.81 -10.01 -1.01
CA ALA C 109 17.92 -10.34 -1.86
C ALA C 109 17.70 -11.62 -2.60
N HIS C 110 16.74 -12.48 -2.18
CA HIS C 110 16.47 -13.72 -2.88
C HIS C 110 15.01 -13.82 -3.19
N TRP C 111 14.65 -14.20 -4.44
CA TRP C 111 13.27 -14.49 -4.78
C TRP C 111 13.21 -15.87 -5.35
N SER C 112 11.97 -16.41 -5.47
CA SER C 112 11.67 -17.66 -6.13
C SER C 112 10.21 -17.60 -6.45
N GLY C 113 9.75 -18.34 -7.49
CA GLY C 113 8.35 -18.42 -7.82
C GLY C 113 8.13 -18.28 -9.29
N SER C 114 6.85 -18.17 -9.70
CA SER C 114 6.43 -18.02 -11.08
C SER C 114 5.70 -16.73 -11.20
N ILE C 115 5.84 -16.05 -12.35
CA ILE C 115 5.29 -14.74 -12.60
C ILE C 115 4.22 -14.91 -13.66
N LYS C 116 3.11 -14.12 -13.60
CA LYS C 116 2.09 -14.17 -14.62
C LYS C 116 1.77 -12.80 -15.15
N ILE C 117 2.06 -12.58 -16.46
CA ILE C 117 1.81 -11.36 -17.19
C ILE C 117 0.49 -11.41 -17.94
N THR C 118 -0.54 -10.65 -17.49
CA THR C 118 -1.84 -10.56 -18.14
C THR C 118 -1.91 -9.45 -19.15
N PHE C 119 -1.88 -9.78 -20.46
CA PHE C 119 -2.00 -8.87 -21.58
C PHE C 119 -3.43 -8.49 -21.87
N VAL C 120 -3.85 -7.21 -21.67
CA VAL C 120 -5.19 -6.79 -22.03
C VAL C 120 -5.18 -5.88 -23.24
N PHE C 121 -5.95 -6.24 -24.28
CA PHE C 121 -6.18 -5.48 -25.50
C PHE C 121 -7.24 -4.44 -25.27
N CYS C 122 -6.88 -3.14 -25.30
CA CYS C 122 -7.81 -2.05 -25.13
C CYS C 122 -8.04 -1.35 -26.43
N GLY C 123 -8.18 -2.09 -27.55
CA GLY C 123 -8.50 -1.51 -28.83
C GLY C 123 -9.96 -1.24 -29.00
N SER C 124 -10.39 -1.09 -30.26
CA SER C 124 -11.76 -0.93 -30.68
C SER C 124 -12.48 -2.24 -30.49
N ALA C 125 -13.83 -2.20 -30.54
CA ALA C 125 -14.65 -3.36 -30.35
C ALA C 125 -14.98 -4.02 -31.66
N MET C 126 -14.44 -3.51 -32.78
CA MET C 126 -14.73 -4.04 -34.08
C MET C 126 -13.45 -4.50 -34.72
N THR C 127 -12.31 -4.32 -34.05
CA THR C 127 -11.00 -4.69 -34.51
C THR C 127 -10.66 -6.06 -34.01
N THR C 128 -9.82 -6.83 -34.75
CA THR C 128 -9.46 -8.18 -34.37
C THR C 128 -7.98 -8.35 -34.62
N GLY C 129 -7.38 -9.44 -34.08
CA GLY C 129 -5.96 -9.70 -34.18
C GLY C 129 -5.58 -10.88 -33.34
N LYS C 130 -4.42 -11.51 -33.65
CA LYS C 130 -3.86 -12.61 -32.91
C LYS C 130 -2.40 -12.33 -32.69
N PHE C 131 -1.90 -12.53 -31.44
CA PHE C 131 -0.53 -12.27 -31.06
C PHE C 131 0.06 -13.51 -30.47
N LEU C 132 1.35 -13.78 -30.74
CA LEU C 132 2.13 -14.85 -30.15
C LEU C 132 2.94 -14.28 -29.01
N LEU C 133 2.66 -14.72 -27.77
CA LEU C 133 3.35 -14.36 -26.55
C LEU C 133 4.41 -15.38 -26.23
N SER C 134 5.70 -15.05 -26.37
CA SER C 134 6.78 -15.98 -26.20
C SER C 134 7.59 -15.67 -24.98
N TYR C 135 8.10 -16.72 -24.31
CA TYR C 135 9.03 -16.69 -23.23
C TYR C 135 10.11 -17.68 -23.56
N ALA C 136 11.34 -17.19 -23.86
CA ALA C 136 12.49 -18.03 -24.09
C ALA C 136 13.31 -18.12 -22.83
N PRO C 137 13.57 -19.27 -22.22
CA PRO C 137 14.59 -19.51 -21.20
C PRO C 137 15.98 -19.00 -21.58
N PRO C 138 16.91 -18.74 -20.68
CA PRO C 138 18.18 -18.12 -21.02
C PRO C 138 19.16 -19.15 -21.46
N GLY C 139 20.26 -18.70 -22.10
CA GLY C 139 21.35 -19.53 -22.52
C GLY C 139 21.45 -19.59 -24.00
N ALA C 140 20.91 -18.58 -24.72
CA ALA C 140 21.01 -18.59 -26.16
C ALA C 140 20.69 -17.23 -26.67
N GLY C 141 20.59 -16.21 -25.77
CA GLY C 141 20.22 -14.87 -26.13
C GLY C 141 18.78 -14.75 -26.52
N ALA C 142 18.27 -13.50 -26.64
CA ALA C 142 16.93 -13.20 -27.05
C ALA C 142 16.65 -13.66 -28.47
N PRO C 143 15.45 -14.12 -28.82
CA PRO C 143 15.07 -14.50 -30.18
C PRO C 143 15.15 -13.31 -31.10
N LYS C 144 15.40 -13.52 -32.41
CA LYS C 144 15.49 -12.44 -33.36
C LYS C 144 14.45 -12.54 -34.45
N THR C 145 13.66 -13.63 -34.50
CA THR C 145 12.64 -13.79 -35.50
C THR C 145 11.52 -14.50 -34.81
N ARG C 146 10.31 -14.48 -35.42
CA ARG C 146 9.18 -15.24 -34.94
C ARG C 146 9.50 -16.71 -34.80
N LYS C 147 10.26 -17.29 -35.75
CA LYS C 147 10.68 -18.67 -35.71
C LYS C 147 11.48 -19.01 -34.49
N ASP C 148 12.47 -18.16 -34.12
CA ASP C 148 13.25 -18.35 -32.92
C ASP C 148 12.41 -18.34 -31.68
N ALA C 149 11.45 -17.39 -31.60
CA ALA C 149 10.52 -17.25 -30.52
C ALA C 149 9.59 -18.42 -30.37
N MET C 150 9.12 -18.98 -31.51
CA MET C 150 8.24 -20.11 -31.61
C MET C 150 8.77 -21.33 -30.92
N LEU C 151 10.08 -21.63 -31.07
CA LEU C 151 10.71 -22.74 -30.38
C LEU C 151 10.62 -22.69 -28.87
N GLY C 152 10.54 -21.49 -28.26
CA GLY C 152 10.38 -21.34 -26.83
C GLY C 152 8.97 -21.54 -26.41
N THR C 153 8.71 -21.50 -25.09
CA THR C 153 7.41 -21.60 -24.46
C THR C 153 6.54 -20.45 -24.85
N HIS C 154 5.36 -20.70 -25.47
CA HIS C 154 4.57 -19.61 -25.99
C HIS C 154 3.11 -19.94 -25.96
N VAL C 155 2.26 -18.89 -25.89
CA VAL C 155 0.82 -18.95 -25.96
C VAL C 155 0.43 -18.13 -27.14
N VAL C 156 -0.49 -18.61 -27.99
CA VAL C 156 -1.07 -17.82 -29.05
C VAL C 156 -2.42 -17.34 -28.59
N TRP C 157 -2.49 -16.03 -28.27
CA TRP C 157 -3.68 -15.31 -27.88
C TRP C 157 -4.43 -14.84 -29.09
N ASP C 158 -5.67 -15.35 -29.25
CA ASP C 158 -6.62 -14.91 -30.23
C ASP C 158 -7.52 -13.92 -29.53
N VAL C 159 -7.50 -12.62 -29.92
CA VAL C 159 -8.35 -11.63 -29.29
C VAL C 159 -9.78 -11.83 -29.70
N GLY C 160 -10.73 -11.62 -28.77
CA GLY C 160 -12.12 -11.80 -29.06
C GLY C 160 -12.87 -11.12 -27.95
N LEU C 161 -14.02 -11.71 -27.55
CA LEU C 161 -14.91 -11.18 -26.54
C LEU C 161 -14.22 -11.09 -25.20
N GLN C 162 -13.45 -12.14 -24.83
CA GLN C 162 -12.61 -12.12 -23.66
C GLN C 162 -11.44 -11.27 -24.04
N SER C 163 -11.29 -10.13 -23.34
CA SER C 163 -10.27 -9.15 -23.61
C SER C 163 -8.84 -9.60 -23.41
N SER C 164 -8.56 -10.37 -22.33
CA SER C 164 -7.21 -10.63 -21.91
C SER C 164 -6.84 -12.07 -21.75
N CYS C 165 -5.61 -12.41 -22.20
CA CYS C 165 -5.01 -13.71 -22.09
C CYS C 165 -3.79 -13.53 -21.24
N VAL C 166 -3.55 -14.46 -20.29
CA VAL C 166 -2.43 -14.38 -19.37
C VAL C 166 -1.38 -15.38 -19.74
N LEU C 167 -0.13 -14.89 -19.93
CA LEU C 167 1.06 -15.68 -20.09
C LEU C 167 1.63 -16.00 -18.76
N CYS C 168 1.50 -17.26 -18.31
CA CYS C 168 2.06 -17.74 -17.09
C CYS C 168 3.47 -18.19 -17.38
N ILE C 169 4.49 -17.47 -16.86
CA ILE C 169 5.88 -17.77 -17.07
C ILE C 169 6.32 -18.75 -16.00
N PRO C 170 6.68 -19.99 -16.28
CA PRO C 170 6.90 -20.99 -15.26
C PRO C 170 8.30 -20.85 -14.74
N TRP C 171 8.55 -21.31 -13.50
CA TRP C 171 9.85 -21.34 -12.90
C TRP C 171 10.63 -22.48 -13.47
N ILE C 172 11.73 -22.17 -14.18
CA ILE C 172 12.66 -23.17 -14.61
C ILE C 172 13.96 -22.55 -14.21
N SER C 173 14.64 -23.18 -13.23
CA SER C 173 15.86 -22.63 -12.71
C SER C 173 16.61 -23.79 -12.19
N GLN C 174 17.95 -23.73 -12.27
CA GLN C 174 18.84 -24.66 -11.63
C GLN C 174 18.71 -24.67 -10.14
N THR C 175 18.69 -23.47 -9.52
CA THR C 175 18.77 -23.27 -8.10
C THR C 175 17.40 -22.99 -7.58
N HIS C 176 17.20 -23.11 -6.26
CA HIS C 176 15.91 -22.88 -5.64
C HIS C 176 15.61 -21.42 -5.49
N TYR C 177 16.60 -20.52 -5.63
CA TYR C 177 16.38 -19.11 -5.45
C TYR C 177 17.29 -18.39 -6.38
N ARG C 178 16.83 -17.28 -6.95
CA ARG C 178 17.65 -16.39 -7.75
C ARG C 178 17.89 -15.16 -6.95
N PHE C 179 18.90 -14.34 -7.32
CA PHE C 179 19.09 -13.03 -6.75
C PHE C 179 18.12 -12.05 -7.30
N VAL C 180 17.69 -11.09 -6.48
CA VAL C 180 16.88 -9.96 -6.89
C VAL C 180 17.74 -8.99 -7.64
N GLU C 181 18.96 -8.74 -7.11
CA GLU C 181 19.98 -7.94 -7.76
C GLU C 181 20.43 -8.62 -9.01
N LYS C 182 20.79 -7.85 -10.06
CA LYS C 182 21.27 -8.37 -11.32
C LYS C 182 22.60 -9.04 -11.08
N ASP C 183 22.77 -10.28 -11.61
CA ASP C 183 23.96 -11.04 -11.39
C ASP C 183 24.15 -11.89 -12.63
N PRO C 184 25.34 -12.17 -13.15
CA PRO C 184 25.48 -12.89 -14.39
C PRO C 184 25.14 -14.34 -14.20
N TYR C 185 25.39 -14.88 -12.99
CA TYR C 185 25.19 -16.27 -12.67
C TYR C 185 23.76 -16.72 -12.84
N THR C 186 22.77 -15.87 -12.45
CA THR C 186 21.39 -16.22 -12.57
C THR C 186 20.73 -15.21 -13.46
N ASN C 187 20.08 -15.70 -14.54
CA ASN C 187 19.31 -14.90 -15.45
C ASN C 187 18.04 -15.64 -15.60
N ALA C 188 16.98 -14.96 -16.06
CA ALA C 188 15.66 -15.54 -16.12
C ALA C 188 15.10 -15.55 -17.50
N GLY C 189 15.92 -15.32 -18.56
CA GLY C 189 15.45 -15.42 -19.92
C GLY C 189 14.74 -14.20 -20.39
N PHE C 190 14.11 -14.28 -21.58
CA PHE C 190 13.64 -13.15 -22.34
C PHE C 190 12.20 -13.37 -22.67
N VAL C 191 11.32 -12.38 -22.39
CA VAL C 191 9.93 -12.40 -22.74
C VAL C 191 9.74 -11.47 -23.92
N THR C 192 9.22 -11.99 -25.06
CA THR C 192 8.99 -11.21 -26.27
C THR C 192 7.57 -11.38 -26.74
N CYS C 193 7.05 -10.39 -27.52
CA CYS C 193 5.71 -10.41 -28.07
C CYS C 193 5.79 -10.13 -29.55
N TRP C 194 5.02 -10.87 -30.37
CA TRP C 194 5.08 -10.85 -31.82
C TRP C 194 3.68 -10.84 -32.37
N TYR C 195 3.46 -10.23 -33.58
CA TYR C 195 2.23 -10.34 -34.33
C TYR C 195 2.10 -11.71 -34.91
N GLN C 196 1.13 -12.53 -34.46
CA GLN C 196 0.87 -13.82 -35.06
C GLN C 196 0.17 -13.72 -36.38
N THR C 197 -0.78 -12.77 -36.55
CA THR C 197 -1.32 -12.49 -37.87
C THR C 197 -1.15 -11.04 -38.17
N SER C 198 -2.09 -10.18 -37.74
CA SER C 198 -2.04 -8.77 -37.94
C SER C 198 -3.32 -8.30 -37.33
N VAL C 199 -3.40 -6.99 -37.07
CA VAL C 199 -4.56 -6.29 -36.60
C VAL C 199 -5.34 -5.88 -37.81
N VAL C 200 -6.62 -6.31 -37.92
CA VAL C 200 -7.46 -5.96 -39.03
C VAL C 200 -8.58 -5.15 -38.44
N SER C 201 -9.02 -4.11 -39.19
CA SER C 201 -10.04 -3.16 -38.78
C SER C 201 -11.05 -3.05 -39.90
N PRO C 202 -12.26 -2.57 -39.66
CA PRO C 202 -13.21 -2.22 -40.69
C PRO C 202 -13.01 -0.81 -41.15
N ALA C 203 -13.81 -0.42 -42.16
CA ALA C 203 -13.83 0.82 -42.90
C ALA C 203 -13.51 2.09 -42.14
N SER C 204 -14.50 2.68 -41.44
CA SER C 204 -14.29 3.88 -40.67
C SER C 204 -14.00 3.50 -39.27
N ASN C 205 -12.70 3.39 -38.94
CA ASN C 205 -12.28 3.10 -37.61
C ASN C 205 -10.86 3.55 -37.55
N GLN C 206 -10.35 3.85 -36.34
CA GLN C 206 -8.97 4.26 -36.14
C GLN C 206 -7.99 3.17 -36.54
N PRO C 207 -6.87 3.50 -37.16
CA PRO C 207 -5.87 2.51 -37.53
C PRO C 207 -5.04 2.05 -36.37
N LYS C 208 -4.64 2.95 -35.44
CA LYS C 208 -3.80 2.63 -34.32
C LYS C 208 -4.58 2.42 -33.07
N CYS C 209 -4.21 1.39 -32.27
CA CYS C 209 -4.84 1.14 -31.00
C CYS C 209 -3.77 0.74 -30.01
N TYR C 210 -4.15 0.43 -28.75
CA TYR C 210 -3.20 0.17 -27.68
C TYR C 210 -3.55 -1.03 -26.87
N MET C 211 -2.53 -1.81 -26.43
CA MET C 211 -2.63 -2.82 -25.39
C MET C 211 -1.90 -2.38 -24.14
N MET C 212 -2.20 -3.02 -22.98
CA MET C 212 -1.64 -2.71 -21.67
C MET C 212 -1.31 -4.02 -21.01
N CYS C 213 -0.25 -4.08 -20.17
CA CYS C 213 0.23 -5.32 -19.59
C CYS C 213 0.28 -5.27 -18.08
N MET C 214 -0.47 -6.17 -17.40
CA MET C 214 -0.51 -6.34 -15.97
C MET C 214 0.53 -7.36 -15.56
N VAL C 215 1.14 -7.24 -14.36
CA VAL C 215 2.10 -8.21 -13.87
C VAL C 215 1.79 -8.51 -12.44
N SER C 216 1.89 -9.81 -12.03
CA SER C 216 1.73 -10.19 -10.64
C SER C 216 2.45 -11.48 -10.38
N ALA C 217 2.63 -11.80 -9.07
CA ALA C 217 3.23 -13.00 -8.59
C ALA C 217 2.20 -14.08 -8.43
N CYS C 218 2.48 -15.31 -8.92
CA CYS C 218 1.65 -16.48 -8.77
C CYS C 218 1.55 -16.92 -7.34
N ASN C 219 0.73 -17.97 -7.09
CA ASN C 219 0.39 -18.45 -5.78
C ASN C 219 1.51 -19.18 -5.09
N ASP C 220 2.58 -19.55 -5.81
CA ASP C 220 3.78 -20.08 -5.22
C ASP C 220 4.86 -19.09 -5.51
N PHE C 221 5.36 -18.42 -4.46
CA PHE C 221 6.32 -17.38 -4.61
C PHE C 221 6.87 -17.24 -3.23
N SER C 222 8.13 -16.81 -3.07
CA SER C 222 8.63 -16.56 -1.75
C SER C 222 9.83 -15.68 -1.88
N VAL C 223 10.21 -15.02 -0.76
CA VAL C 223 11.35 -14.15 -0.72
C VAL C 223 12.12 -14.40 0.53
N ARG C 224 13.46 -14.23 0.49
CA ARG C 224 14.32 -14.44 1.62
C ARG C 224 15.32 -13.33 1.67
N MET C 225 16.05 -13.24 2.81
CA MET C 225 17.09 -12.30 3.12
C MET C 225 16.70 -10.86 2.97
N LEU C 226 15.99 -10.36 4.00
CA LEU C 226 15.50 -9.02 4.20
C LEU C 226 16.63 -8.00 4.19
N ARG C 227 16.49 -6.88 3.43
CA ARG C 227 17.51 -5.86 3.31
C ARG C 227 16.86 -4.57 2.98
N ASP C 228 17.61 -3.44 3.17
CA ASP C 228 17.22 -2.08 2.84
C ASP C 228 17.07 -1.90 1.35
N THR C 229 16.18 -0.96 0.95
CA THR C 229 15.92 -0.59 -0.43
C THR C 229 16.91 0.47 -0.82
N LYS C 230 17.00 0.80 -2.14
CA LYS C 230 17.85 1.86 -2.63
C LYS C 230 17.08 2.96 -3.29
N PHE C 231 15.74 3.00 -3.13
CA PHE C 231 14.92 3.95 -3.85
C PHE C 231 14.57 5.15 -3.03
N ILE C 232 15.17 5.32 -1.83
CA ILE C 232 14.87 6.47 -1.03
C ILE C 232 16.11 6.79 -0.26
N GLU C 233 16.35 8.08 0.01
CA GLU C 233 17.52 8.55 0.69
C GLU C 233 17.21 9.94 1.14
N GLN C 234 18.05 10.45 2.06
CA GLN C 234 17.94 11.81 2.54
C GLN C 234 19.33 12.23 2.81
N THR C 235 19.55 13.55 2.98
CA THR C 235 20.84 14.09 3.33
C THR C 235 20.77 14.76 4.67
N SER C 236 19.55 14.93 5.23
CA SER C 236 19.38 15.51 6.54
C SER C 236 18.01 15.14 6.98
N PHE C 237 17.72 15.34 8.28
CA PHE C 237 16.39 15.15 8.83
C PHE C 237 15.39 16.06 8.19
N TYR C 238 14.19 15.51 7.90
CA TYR C 238 13.09 16.25 7.35
C TYR C 238 12.52 17.16 8.38
N GLN C 239 11.99 18.30 7.92
CA GLN C 239 11.33 19.26 8.77
C GLN C 239 10.14 19.78 7.97
N GLY D 1 5.52 -22.29 35.54
CA GLY D 1 4.69 -22.80 34.42
C GLY D 1 5.34 -22.45 33.12
N ALA D 2 6.22 -23.36 32.63
CA ALA D 2 6.96 -23.18 31.41
C ALA D 2 6.12 -23.57 30.23
N GLN D 3 6.49 -23.06 29.05
CA GLN D 3 5.83 -23.34 27.80
C GLN D 3 6.91 -23.91 26.94
N VAL D 4 6.56 -24.93 26.12
CA VAL D 4 7.47 -25.61 25.24
C VAL D 4 6.91 -25.48 23.86
N SER D 5 7.77 -25.24 22.84
CA SER D 5 7.32 -25.06 21.49
C SER D 5 8.46 -25.43 20.59
N THR D 6 8.17 -25.67 19.30
CA THR D 6 9.09 -26.18 18.31
C THR D 6 9.82 -25.07 17.62
N GLN D 7 11.14 -25.25 17.39
CA GLN D 7 12.01 -24.32 16.72
C GLN D 7 11.88 -24.46 15.24
N LYS D 8 12.13 -23.37 14.49
CA LYS D 8 12.22 -23.37 13.05
C LYS D 8 13.39 -24.21 12.62
N THR D 9 13.15 -25.18 11.72
CA THR D 9 14.20 -26.01 11.17
C THR D 9 13.74 -26.28 9.77
N GLY D 10 14.69 -26.41 8.83
CA GLY D 10 14.41 -26.68 7.44
C GLY D 10 13.93 -28.08 7.20
N ALA D 11 13.83 -28.46 5.91
CA ALA D 11 13.47 -29.78 5.48
C ALA D 11 14.68 -30.67 5.59
N HIS D 12 14.47 -32.00 5.46
CA HIS D 12 15.54 -32.96 5.52
C HIS D 12 15.31 -33.96 4.44
N GLU D 13 16.36 -34.72 4.10
CA GLU D 13 16.32 -35.85 3.21
C GLU D 13 15.42 -36.92 3.76
N THR D 14 14.74 -37.66 2.86
CA THR D 14 13.86 -38.74 3.26
C THR D 14 14.71 -39.96 3.67
N SER D 22 14.13 -32.97 12.69
CA SER D 22 12.66 -33.09 12.77
C SER D 22 12.12 -32.06 13.72
N ILE D 23 12.03 -32.40 15.01
CA ILE D 23 11.41 -31.58 16.03
C ILE D 23 12.48 -31.37 17.04
N ILE D 24 12.74 -30.10 17.41
CA ILE D 24 13.64 -29.74 18.45
C ILE D 24 12.87 -28.68 19.17
N HIS D 25 12.75 -28.77 20.51
CA HIS D 25 11.98 -27.84 21.27
C HIS D 25 12.85 -26.82 21.92
N TYR D 26 12.24 -25.72 22.39
CA TYR D 26 12.88 -24.71 23.19
C TYR D 26 11.87 -24.36 24.24
N THR D 27 12.32 -23.66 25.30
CA THR D 27 11.51 -23.37 26.45
C THR D 27 11.44 -21.88 26.58
N ASN D 28 10.28 -21.34 26.99
CA ASN D 28 10.05 -19.94 27.16
C ASN D 28 9.26 -19.78 28.42
N ILE D 29 9.60 -18.77 29.25
CA ILE D 29 8.88 -18.43 30.45
C ILE D 29 8.81 -16.93 30.45
N ASN D 30 7.63 -16.34 30.78
CA ASN D 30 7.47 -14.90 30.90
C ASN D 30 7.78 -14.48 32.29
N TYR D 31 8.44 -13.31 32.46
CA TYR D 31 8.91 -12.84 33.75
C TYR D 31 8.27 -11.56 34.14
N TYR D 32 7.28 -11.03 33.38
CA TYR D 32 6.74 -9.72 33.65
C TYR D 32 5.26 -9.82 33.70
N LYS D 33 4.60 -8.77 34.23
CA LYS D 33 3.20 -8.80 34.52
C LYS D 33 2.38 -8.19 33.43
N ASP D 34 3.00 -7.64 32.37
CA ASP D 34 2.28 -6.97 31.33
C ASP D 34 2.63 -7.66 30.07
N ALA D 35 1.60 -8.05 29.30
CA ALA D 35 1.70 -8.72 28.02
C ALA D 35 2.54 -8.00 27.01
N ALA D 36 2.67 -6.65 27.16
CA ALA D 36 3.50 -5.83 26.33
C ALA D 36 4.95 -6.21 26.38
N SER D 37 5.46 -6.66 27.55
CA SER D 37 6.83 -7.04 27.75
C SER D 37 7.24 -8.30 27.04
N ASN D 38 6.29 -9.09 26.51
CA ASN D 38 6.57 -10.35 25.85
C ASN D 38 7.33 -10.17 24.57
N SER D 39 8.09 -11.21 24.19
CA SER D 39 8.86 -11.33 22.97
C SER D 39 7.98 -11.22 21.75
N ALA D 40 8.53 -10.75 20.61
CA ALA D 40 7.85 -10.66 19.34
C ALA D 40 7.32 -11.99 18.88
N ASN D 41 6.09 -12.01 18.32
CA ASN D 41 5.44 -13.20 17.83
C ASN D 41 5.86 -13.43 16.42
N ARG D 42 6.99 -14.14 16.22
CA ARG D 42 7.58 -14.29 14.91
C ARG D 42 7.16 -15.56 14.24
N GLN D 43 6.38 -16.43 14.92
CA GLN D 43 5.99 -17.69 14.37
C GLN D 43 4.50 -17.63 14.27
N ASP D 44 4.00 -17.70 13.03
CA ASP D 44 2.62 -17.56 12.65
C ASP D 44 2.76 -17.21 11.21
N PHE D 45 2.35 -18.12 10.31
CA PHE D 45 2.60 -17.97 8.89
C PHE D 45 1.31 -17.98 8.15
N THR D 46 0.17 -17.88 8.86
CA THR D 46 -1.17 -17.86 8.30
C THR D 46 -1.35 -16.68 7.40
N GLN D 47 -2.15 -16.82 6.33
CA GLN D 47 -2.38 -15.76 5.39
C GLN D 47 -3.67 -16.06 4.69
N ASP D 48 -4.18 -15.10 3.89
CA ASP D 48 -5.40 -15.30 3.16
C ASP D 48 -5.50 -14.25 2.06
N PRO D 49 -4.95 -14.48 0.85
CA PRO D 49 -4.96 -13.54 -0.26
C PRO D 49 -6.32 -13.09 -0.71
N GLY D 50 -7.36 -13.92 -0.41
CA GLY D 50 -8.74 -13.83 -0.85
C GLY D 50 -9.30 -12.45 -0.96
N LYS D 51 -9.18 -11.66 0.14
CA LYS D 51 -9.71 -10.33 0.25
C LYS D 51 -9.22 -9.36 -0.80
N PHE D 52 -8.02 -9.60 -1.35
CA PHE D 52 -7.42 -8.71 -2.30
C PHE D 52 -7.48 -9.26 -3.68
N THR D 53 -7.19 -10.56 -3.84
CA THR D 53 -7.06 -11.17 -5.14
C THR D 53 -8.40 -11.44 -5.80
N GLU D 54 -9.47 -11.69 -5.01
CA GLU D 54 -10.78 -11.93 -5.57
C GLU D 54 -11.80 -11.26 -4.70
N PRO D 55 -12.08 -9.97 -4.83
CA PRO D 55 -13.06 -9.30 -4.01
C PRO D 55 -14.37 -9.29 -4.76
N MET D 56 -14.88 -10.46 -5.20
CA MET D 56 -16.05 -10.53 -6.03
C MET D 56 -17.27 -10.84 -5.23
N LYS D 57 -18.45 -10.64 -5.84
CA LYS D 57 -19.71 -10.98 -5.24
C LYS D 57 -20.11 -12.32 -5.76
N ASP D 58 -20.06 -12.50 -7.10
CA ASP D 58 -20.36 -13.76 -7.73
C ASP D 58 -19.07 -14.50 -7.90
N VAL D 59 -19.07 -15.80 -7.55
CA VAL D 59 -17.92 -16.66 -7.64
C VAL D 59 -17.58 -16.84 -9.08
N MET D 60 -16.27 -16.85 -9.42
CA MET D 60 -15.80 -17.04 -10.76
C MET D 60 -15.05 -18.32 -10.76
N ILE D 61 -15.42 -19.22 -11.69
CA ILE D 61 -14.81 -20.50 -11.86
C ILE D 61 -13.75 -20.28 -12.88
N LYS D 62 -12.52 -20.77 -12.60
CA LYS D 62 -11.35 -20.52 -13.39
C LYS D 62 -11.47 -21.01 -14.81
N THR D 63 -12.03 -22.23 -14.96
CA THR D 63 -12.10 -22.91 -16.23
C THR D 63 -13.17 -22.38 -17.14
N LEU D 64 -14.20 -21.68 -16.59
CA LEU D 64 -15.27 -21.14 -17.40
C LEU D 64 -14.85 -19.77 -17.88
N PRO D 65 -15.34 -19.26 -19.00
CA PRO D 65 -15.20 -17.88 -19.43
C PRO D 65 -15.66 -16.90 -18.38
N ALA D 66 -14.93 -15.78 -18.20
CA ALA D 66 -15.23 -14.75 -17.25
C ALA D 66 -16.56 -14.07 -17.49
N LEU D 67 -16.86 -13.77 -18.76
CA LEU D 67 -18.11 -13.18 -19.15
C LEU D 67 -18.74 -14.11 -20.13
N ASN D 68 -19.99 -14.52 -19.86
CA ASN D 68 -20.67 -15.47 -20.71
C ASN D 68 -22.16 -15.15 -20.57
#